data_3WEO
#
_entry.id   3WEO
#
_cell.length_a   86.166
_cell.length_b   99.154
_cell.length_c   107.354
_cell.angle_alpha   90.00
_cell.angle_beta   90.00
_cell.angle_gamma   90.00
#
_symmetry.space_group_name_H-M   'P 21 21 21'
#
loop_
_entity.id
_entity.type
_entity.pdbx_description
1 polymer Alpha-glucosidase
2 branched alpha-L-fucopyranose-(1-3)-[2-acetamido-2-deoxy-beta-D-glucopyranose-(1-4)]2-acetamido-2-deoxy-beta-D-glucopyranose
3 branched 2-acetamido-2-deoxy-beta-D-glucopyranose-(1-4)-2-acetamido-2-deoxy-beta-D-glucopyranose
4 branched 4,6-dideoxy-4-{[(1S,4R,5S,6S)-4,5,6-trihydroxy-3-(hydroxymethyl)cyclohex-2-en-1-yl]amino}-alpha-D-glucopyranose-(1-4)-alpha-D-glucopyranose-(1-4)-alpha-D-glucopyranose-(1-4)-alpha-D-glucopyranose-(1-4)-alpha-D-glucopyranose-(1-4)-alpha-D-glucopyranose-(1-4)-alpha-D-glucopyranose
5 non-polymer 2-acetamido-2-deoxy-beta-D-glucopyranose
6 non-polymer GLYCEROL
7 non-polymer 'SULFATE ION'
8 water water
#
_entity_poly.entity_id   1
_entity_poly.type   'polypeptide(L)'
_entity_poly.pdbx_seq_one_letter_code
;MERSKLPRYICATLAVVLPLVLCMVVEGATTSKNDNQGEAIGYGYQVKNAKVDNSTGKSLTALLQLIRNSPVYGPDIQFL
SFTASFEEDDTLRIRITDANNRRWEIPNEVLPRPPPPPSPPPLSSLQHLPKPIPQNQPTTTVLSHPHSDLVFTLFHTTPF
GFTIYRKSTHDVLFDATPIPSNPTTFLIYKDQYLQLSSSLPAQQAHLYGLGEHTKPTFQLAHNQILTLWNADIASFNRDL
NLYGSHPFYMDVRSSPMVGSTHGVFLLNSNGMDVEYTGDRITYKVIGGIIDLYIFAGRTPEMVLDQYTKLIGRPAPMPYW
AFGFHQCRWGYRDVNEIETVVDKYAEARIPLEVMWTDIDYMDAFKDFTLDPVHFPLDKMQQFVTKLHRNGQRYVPILDPG
INTNKSYGTFIRGMQSNVFIKRDGNPYLGSVWPGPVYYPDFLDPAARSFWVDEIKRFRDILPIDGIWIDMNEASNFITSA
PTPGSTLDNPPYKINNSGGRVPINSKTIPATAMHYGNVTEYNAHNLYGFLESQATREALVRTSNERPFLLSRSTFAGSGK
YTAHWTGDNAARWDDLQYSIPTMLNFGLFGMPMIGADICGFAESTTEELCRRWIQLGAFYPFSRDHSARDTTHQELYLWE
SVAASARTVLGLRYQLLPYYYTLMYDANLRGIPIARPLFFTFPDDVATYGISSQFLIGRGIMVSPVLQPGAVSVNAYFPR
GNWFSLFNYTSSVSVSAGTYVSLSAPPDHINVHIHEGNIVAMQGEAMTTQAARSTPFHLLVVMSDHVASTGELFLDNGIE
MDIGGPGGKWTLVRFFAESGINNLTISSEVVNRGYAMSQRWVMDKITILGLKRRVRIKEYTVQKDAGAIKIKGLGLRTSS
HNQGGFVVSVISDLRQLVGQAFKLELEFEGATR
;
_entity_poly.pdbx_strand_id   A
#
# COMPACT_ATOMS: atom_id res chain seq x y z
N GLY A 38 24.86 -34.78 -10.09
CA GLY A 38 25.16 -34.66 -8.67
C GLY A 38 26.04 -33.46 -8.32
N GLU A 39 26.19 -32.52 -9.24
CA GLU A 39 27.07 -31.37 -9.04
C GLU A 39 26.50 -30.42 -7.98
N ALA A 40 27.38 -29.69 -7.32
CA ALA A 40 26.97 -28.67 -6.35
C ALA A 40 26.21 -27.57 -7.06
N ILE A 41 25.35 -26.88 -6.33
CA ILE A 41 24.54 -25.84 -6.94
C ILE A 41 25.44 -24.71 -7.44
N GLY A 42 26.52 -24.46 -6.73
CA GLY A 42 27.48 -23.46 -7.13
C GLY A 42 28.65 -23.39 -6.16
N TYR A 43 29.69 -22.66 -6.55
CA TYR A 43 30.91 -22.55 -5.76
C TYR A 43 31.24 -21.14 -5.29
N GLY A 44 30.51 -20.14 -5.79
CA GLY A 44 30.69 -18.79 -5.31
C GLY A 44 31.85 -18.05 -5.95
N TYR A 45 32.19 -16.91 -5.36
CA TYR A 45 33.12 -15.94 -5.93
C TYR A 45 34.25 -15.58 -4.97
N GLN A 46 35.38 -15.19 -5.53
CA GLN A 46 36.49 -14.62 -4.77
C GLN A 46 36.70 -13.17 -5.17
N VAL A 47 37.19 -12.37 -4.24
CA VAL A 47 37.50 -10.98 -4.53
C VAL A 47 38.83 -10.92 -5.28
N LYS A 48 38.81 -10.38 -6.49
CA LYS A 48 40.03 -10.23 -7.27
C LYS A 48 40.69 -8.88 -6.98
N ASN A 49 39.88 -7.85 -6.83
CA ASN A 49 40.33 -6.57 -6.34
C ASN A 49 39.21 -5.78 -5.70
N ALA A 50 39.57 -4.84 -4.83
CA ALA A 50 38.58 -4.04 -4.15
C ALA A 50 39.22 -2.78 -3.63
N LYS A 51 38.54 -1.66 -3.81
CA LYS A 51 39.01 -0.41 -3.25
C LYS A 51 37.89 0.60 -3.04
N VAL A 52 38.11 1.44 -2.05
CA VAL A 52 37.21 2.51 -1.71
C VAL A 52 37.73 3.74 -2.42
N ASP A 53 36.84 4.46 -3.07
CA ASP A 53 37.25 5.67 -3.77
C ASP A 53 37.77 6.66 -2.74
N ASN A 54 38.78 7.42 -3.13
CA ASN A 54 39.17 8.62 -2.41
C ASN A 54 38.57 9.79 -3.19
N SER A 55 38.72 10.99 -2.65
CA SER A 55 38.33 12.22 -3.38
C SER A 55 36.85 12.31 -3.77
N THR A 56 35.99 11.63 -3.02
CA THR A 56 34.55 11.91 -3.06
C THR A 56 33.87 11.19 -1.90
N GLY A 57 32.57 11.43 -1.75
CA GLY A 57 31.78 10.64 -0.82
C GLY A 57 32.10 9.20 -1.13
N LYS A 58 32.80 8.55 -0.20
CA LYS A 58 33.39 7.25 -0.44
C LYS A 58 32.38 6.31 -1.07
N SER A 59 32.82 5.53 -2.05
CA SER A 59 32.08 4.34 -2.46
C SER A 59 33.12 3.26 -2.67
N LEU A 60 32.68 2.01 -2.66
CA LEU A 60 33.56 0.87 -2.79
C LEU A 60 33.28 0.18 -4.10
N THR A 61 34.34 -0.17 -4.82
CA THR A 61 34.23 -0.97 -6.04
C THR A 61 35.12 -2.20 -5.93
N ALA A 62 34.58 -3.34 -6.36
CA ALA A 62 35.31 -4.59 -6.36
C ALA A 62 35.02 -5.41 -7.62
N LEU A 63 36.00 -6.20 -8.03
CA LEU A 63 35.85 -7.19 -9.07
C LEU A 63 35.86 -8.57 -8.41
N LEU A 64 34.84 -9.37 -8.71
CA LEU A 64 34.75 -10.72 -8.19
C LEU A 64 34.93 -11.73 -9.32
N GLN A 65 35.58 -12.85 -9.05
CA GLN A 65 35.75 -13.90 -10.05
C GLN A 65 35.19 -15.24 -9.56
N LEU A 66 34.44 -15.90 -10.44
CA LEU A 66 33.88 -17.21 -10.16
C LEU A 66 34.95 -18.20 -9.75
N ILE A 67 34.74 -18.90 -8.64
CA ILE A 67 35.71 -19.89 -8.19
C ILE A 67 35.69 -21.10 -9.13
N ARG A 68 34.50 -21.57 -9.46
CA ARG A 68 34.32 -22.77 -10.27
C ARG A 68 32.89 -22.81 -10.83
N ASN A 69 32.75 -23.33 -12.05
N ASN A 69 32.75 -23.32 -12.05
CA ASN A 69 31.45 -23.46 -12.70
CA ASN A 69 31.44 -23.41 -12.69
C ASN A 69 30.65 -24.64 -12.19
C ASN A 69 30.66 -24.64 -12.24
N SER A 70 29.35 -24.57 -12.36
CA SER A 70 28.50 -25.73 -12.16
C SER A 70 27.39 -25.76 -13.22
N PRO A 71 27.03 -26.95 -13.69
CA PRO A 71 25.94 -26.98 -14.68
C PRO A 71 24.56 -26.68 -14.05
N VAL A 72 24.46 -26.80 -12.74
CA VAL A 72 23.16 -26.67 -12.11
C VAL A 72 22.61 -25.27 -12.28
N TYR A 73 21.37 -25.18 -12.76
CA TYR A 73 20.67 -23.91 -12.97
C TYR A 73 21.30 -22.98 -13.99
N GLY A 74 22.16 -23.50 -14.86
CA GLY A 74 22.56 -22.73 -16.02
C GLY A 74 23.88 -22.01 -15.86
N PRO A 75 24.25 -21.23 -16.88
CA PRO A 75 25.59 -20.65 -16.89
C PRO A 75 25.88 -19.63 -15.79
N ASP A 76 26.99 -19.86 -15.10
CA ASP A 76 27.52 -18.92 -14.13
C ASP A 76 28.09 -17.70 -14.85
N ILE A 77 27.93 -16.54 -14.23
CA ILE A 77 28.59 -15.33 -14.72
C ILE A 77 30.01 -15.32 -14.17
N GLN A 78 30.99 -15.24 -15.06
CA GLN A 78 32.37 -15.44 -14.62
C GLN A 78 32.93 -14.30 -13.77
N PHE A 79 32.65 -13.06 -14.16
CA PHE A 79 33.17 -11.89 -13.46
C PHE A 79 32.03 -10.96 -13.07
N LEU A 80 32.02 -10.56 -11.80
CA LEU A 80 31.01 -9.63 -11.31
C LEU A 80 31.64 -8.32 -10.88
N SER A 81 30.99 -7.23 -11.26
CA SER A 81 31.30 -5.93 -10.69
C SER A 81 30.44 -5.78 -9.44
N PHE A 82 31.05 -5.33 -8.36
CA PHE A 82 30.37 -5.21 -7.07
C PHE A 82 30.64 -3.81 -6.53
N THR A 83 29.59 -3.05 -6.28
CA THR A 83 29.74 -1.74 -5.68
C THR A 83 28.88 -1.59 -4.44
N ALA A 84 29.40 -0.88 -3.45
CA ALA A 84 28.63 -0.44 -2.30
C ALA A 84 28.76 1.07 -2.25
N SER A 85 27.65 1.78 -2.11
CA SER A 85 27.70 3.23 -2.11
C SER A 85 26.56 3.82 -1.32
N PHE A 86 26.80 4.98 -0.74
CA PHE A 86 25.78 5.69 0.00
C PHE A 86 25.04 6.64 -0.92
N GLU A 87 23.78 6.37 -1.18
CA GLU A 87 22.95 7.27 -1.98
C GLU A 87 22.61 8.47 -1.17
N GLU A 88 22.30 8.21 0.09
CA GLU A 88 22.12 9.26 1.07
C GLU A 88 22.83 8.73 2.30
N ASP A 89 23.00 9.56 3.33
CA ASP A 89 23.62 9.09 4.56
C ASP A 89 22.87 7.88 5.12
N ASP A 90 21.56 7.80 4.88
CA ASP A 90 20.75 6.74 5.47
C ASP A 90 20.39 5.58 4.54
N THR A 91 20.98 5.56 3.36
CA THR A 91 20.65 4.54 2.36
C THR A 91 21.91 4.01 1.69
N LEU A 92 22.14 2.72 1.86
CA LEU A 92 23.28 2.03 1.24
C LEU A 92 22.78 1.18 0.07
N ARG A 93 23.49 1.26 -1.06
CA ARG A 93 23.15 0.51 -2.25
C ARG A 93 24.28 -0.46 -2.58
N ILE A 94 23.93 -1.73 -2.77
CA ILE A 94 24.89 -2.76 -3.12
C ILE A 94 24.45 -3.29 -4.48
N ARG A 95 25.26 -3.06 -5.49
CA ARG A 95 24.93 -3.42 -6.87
C ARG A 95 25.93 -4.42 -7.41
N ILE A 96 25.40 -5.56 -7.85
CA ILE A 96 26.22 -6.65 -8.35
C ILE A 96 25.75 -6.99 -9.76
N THR A 97 26.63 -6.74 -10.73
CA THR A 97 26.34 -6.88 -12.16
C THR A 97 27.39 -7.76 -12.83
N ASP A 98 27.11 -8.22 -14.05
CA ASP A 98 28.11 -8.88 -14.89
C ASP A 98 29.13 -7.81 -15.26
N ALA A 99 30.39 -8.01 -14.88
CA ALA A 99 31.42 -7.02 -15.14
C ALA A 99 31.58 -6.75 -16.64
N ASN A 100 31.20 -7.72 -17.47
CA ASN A 100 31.45 -7.67 -18.91
C ASN A 100 30.22 -7.47 -19.80
N ASN A 101 29.02 -7.44 -19.21
CA ASN A 101 27.80 -7.28 -20.01
C ASN A 101 26.70 -6.61 -19.21
N ARG A 102 25.93 -5.78 -19.89
CA ARG A 102 24.72 -5.22 -19.31
C ARG A 102 23.71 -6.35 -19.12
N ARG A 103 22.98 -6.30 -18.01
CA ARG A 103 21.88 -7.23 -17.74
C ARG A 103 20.60 -6.43 -17.55
N TRP A 104 19.45 -7.13 -17.58
CA TRP A 104 18.16 -6.48 -17.36
C TRP A 104 18.12 -5.76 -16.02
N GLU A 105 17.68 -4.51 -16.06
CA GLU A 105 17.40 -3.72 -14.86
C GLU A 105 16.09 -2.99 -15.08
N ILE A 106 15.34 -2.71 -14.03
CA ILE A 106 14.09 -1.98 -14.18
C ILE A 106 14.44 -0.63 -14.79
N PRO A 107 13.83 -0.26 -15.93
CA PRO A 107 14.24 0.99 -16.57
C PRO A 107 14.08 2.22 -15.69
N ASN A 108 15.00 3.17 -15.83
CA ASN A 108 14.92 4.41 -15.08
C ASN A 108 13.63 5.17 -15.38
N GLU A 109 13.16 5.07 -16.62
CA GLU A 109 11.93 5.76 -16.97
C GLU A 109 10.73 5.21 -16.19
N VAL A 110 10.80 3.94 -15.80
CA VAL A 110 9.70 3.31 -15.06
C VAL A 110 9.78 3.65 -13.57
N LEU A 111 11.00 3.62 -13.03
CA LEU A 111 11.26 3.84 -11.62
C LEU A 111 12.53 4.71 -11.50
N PRO A 112 12.37 6.04 -11.61
CA PRO A 112 13.54 6.93 -11.68
C PRO A 112 14.30 6.95 -10.37
N ARG A 113 15.62 6.89 -10.44
CA ARG A 113 16.44 6.76 -9.25
C ARG A 113 17.87 7.15 -9.58
N PRO A 114 18.65 7.46 -8.54
CA PRO A 114 20.05 7.79 -8.80
C PRO A 114 20.82 6.68 -9.55
N PRO A 115 21.70 7.09 -10.47
CA PRO A 115 22.48 6.10 -11.22
C PRO A 115 23.56 5.45 -10.36
N PRO A 116 24.12 4.33 -10.84
CA PRO A 116 25.19 3.64 -10.09
C PRO A 116 26.43 4.51 -9.95
N PRO A 117 27.29 4.21 -8.98
CA PRO A 117 28.53 4.98 -8.93
C PRO A 117 29.36 4.75 -10.21
N PRO A 118 30.10 5.77 -10.69
CA PRO A 118 30.86 5.73 -11.95
C PRO A 118 31.52 4.38 -12.27
N PRO A 138 40.02 -12.61 7.16
CA PRO A 138 41.37 -12.29 6.71
C PRO A 138 41.43 -10.83 6.24
N THR A 139 41.66 -10.58 4.97
CA THR A 139 41.67 -9.23 4.45
C THR A 139 40.21 -8.76 4.35
N THR A 140 39.97 -7.51 4.72
CA THR A 140 38.64 -6.91 4.54
C THR A 140 38.78 -5.53 3.92
N THR A 141 37.73 -5.05 3.26
CA THR A 141 37.66 -3.68 2.79
C THR A 141 36.41 -3.09 3.40
N VAL A 142 36.59 -2.01 4.16
CA VAL A 142 35.51 -1.37 4.90
C VAL A 142 35.09 -0.07 4.23
N LEU A 143 33.78 0.13 4.12
CA LEU A 143 33.21 1.40 3.66
C LEU A 143 32.36 1.99 4.77
N SER A 144 32.75 3.17 5.23
N SER A 144 32.75 3.16 5.25
CA SER A 144 32.03 3.91 6.26
CA SER A 144 31.99 3.91 6.23
C SER A 144 32.07 5.41 5.95
C SER A 144 32.04 5.40 5.90
N HIS A 145 31.01 6.11 6.32
CA HIS A 145 30.95 7.58 6.18
C HIS A 145 30.71 8.15 7.56
N PRO A 146 31.32 9.30 7.87
CA PRO A 146 31.12 9.91 9.19
C PRO A 146 29.66 10.22 9.54
N HIS A 147 28.82 10.53 8.56
CA HIS A 147 27.43 10.89 8.85
C HIS A 147 26.43 9.72 8.67
N SER A 148 26.94 8.52 8.43
N SER A 148 26.95 8.52 8.43
CA SER A 148 26.07 7.35 8.23
CA SER A 148 26.13 7.34 8.21
C SER A 148 26.27 6.29 9.30
C SER A 148 26.26 6.35 9.37
N ASP A 149 25.16 5.74 9.78
CA ASP A 149 25.19 4.70 10.79
C ASP A 149 25.56 3.34 10.16
N LEU A 150 25.38 3.21 8.85
CA LEU A 150 25.62 1.93 8.19
C LEU A 150 27.08 1.75 7.82
N VAL A 151 27.66 0.64 8.27
CA VAL A 151 29.04 0.30 7.95
C VAL A 151 29.04 -0.95 7.09
N PHE A 152 29.69 -0.85 5.94
CA PHE A 152 29.78 -1.98 5.01
C PHE A 152 31.17 -2.60 5.04
N THR A 153 31.22 -3.93 5.03
CA THR A 153 32.51 -4.64 4.99
C THR A 153 32.49 -5.74 3.95
N LEU A 154 33.56 -5.76 3.14
CA LEU A 154 33.79 -6.82 2.18
C LEU A 154 34.85 -7.76 2.73
N PHE A 155 34.50 -9.04 2.87
CA PHE A 155 35.42 -10.05 3.39
C PHE A 155 36.02 -10.85 2.25
N HIS A 156 37.35 -10.86 2.19
CA HIS A 156 38.07 -11.51 1.09
C HIS A 156 38.33 -12.97 1.38
N THR A 157 37.28 -13.68 1.78
CA THR A 157 37.34 -15.10 2.04
C THR A 157 37.03 -15.87 0.76
N THR A 158 37.15 -17.20 0.81
CA THR A 158 36.88 -18.04 -0.35
C THR A 158 35.83 -19.11 0.02
N PRO A 159 34.56 -18.91 -0.41
CA PRO A 159 34.01 -17.77 -1.15
C PRO A 159 33.89 -16.51 -0.30
N PHE A 160 33.71 -15.37 -0.95
CA PHE A 160 33.71 -14.07 -0.27
C PHE A 160 32.41 -13.85 0.51
N GLY A 161 32.41 -12.81 1.34
CA GLY A 161 31.22 -12.43 2.07
C GLY A 161 31.15 -10.92 2.20
N PHE A 162 30.02 -10.43 2.68
CA PHE A 162 29.89 -9.02 3.05
C PHE A 162 28.89 -8.86 4.17
N THR A 163 29.04 -7.79 4.94
CA THR A 163 28.09 -7.47 5.99
C THR A 163 27.79 -6.00 6.03
N ILE A 164 26.67 -5.68 6.69
CA ILE A 164 26.30 -4.30 7.00
C ILE A 164 25.90 -4.27 8.45
N TYR A 165 26.57 -3.43 9.26
CA TYR A 165 26.23 -3.31 10.67
C TYR A 165 26.10 -1.85 11.07
N ARG A 166 25.50 -1.61 12.23
CA ARG A 166 25.33 -0.26 12.75
C ARG A 166 26.55 0.21 13.51
N LYS A 167 27.09 1.35 13.10
CA LYS A 167 28.20 1.98 13.78
C LYS A 167 27.87 2.21 15.26
N SER A 168 26.63 2.60 15.54
CA SER A 168 26.22 2.97 16.90
C SER A 168 26.13 1.79 17.86
N THR A 169 25.44 0.72 17.47
CA THR A 169 25.20 -0.39 18.40
C THR A 169 25.96 -1.67 18.04
N HIS A 170 26.61 -1.66 16.88
CA HIS A 170 27.26 -2.85 16.32
C HIS A 170 26.32 -4.00 15.94
N ASP A 171 25.02 -3.73 15.93
CA ASP A 171 24.08 -4.73 15.49
C ASP A 171 24.30 -4.99 14.00
N VAL A 172 24.44 -6.25 13.64
CA VAL A 172 24.61 -6.62 12.25
C VAL A 172 23.22 -6.72 11.62
N LEU A 173 23.02 -5.97 10.55
CA LEU A 173 21.68 -5.88 9.94
C LEU A 173 21.50 -6.90 8.85
N PHE A 174 22.52 -7.07 8.02
CA PHE A 174 22.48 -7.98 6.87
C PHE A 174 23.86 -8.64 6.84
N ASP A 175 23.89 -9.97 6.91
CA ASP A 175 25.13 -10.72 7.05
C ASP A 175 25.20 -11.81 5.99
N ALA A 176 25.90 -11.49 4.90
CA ALA A 176 26.07 -12.40 3.78
C ALA A 176 27.45 -13.10 3.84
N THR A 177 27.89 -13.41 5.06
CA THR A 177 29.07 -14.25 5.27
C THR A 177 28.66 -15.68 4.95
N PRO A 178 29.34 -16.33 4.00
CA PRO A 178 28.98 -17.72 3.75
C PRO A 178 29.44 -18.66 4.85
N ILE A 179 28.69 -19.74 5.03
CA ILE A 179 29.18 -20.89 5.74
C ILE A 179 29.93 -21.72 4.69
N PRO A 180 31.27 -21.84 4.82
CA PRO A 180 32.07 -22.40 3.72
C PRO A 180 31.64 -23.79 3.24
N SER A 181 31.08 -24.60 4.11
CA SER A 181 30.70 -25.96 3.75
C SER A 181 29.32 -26.03 3.09
N ASN A 182 28.66 -24.87 2.96
CA ASN A 182 27.24 -24.84 2.69
C ASN A 182 26.88 -23.86 1.58
N PRO A 183 26.77 -24.37 0.35
CA PRO A 183 26.52 -23.51 -0.81
C PRO A 183 25.17 -22.78 -0.78
N THR A 184 24.25 -23.21 0.08
CA THR A 184 22.96 -22.53 0.19
C THR A 184 23.14 -21.14 0.78
N THR A 185 24.33 -20.88 1.33
CA THR A 185 24.62 -19.59 1.96
C THR A 185 25.49 -18.70 1.08
N PHE A 186 25.89 -19.20 -0.09
CA PHE A 186 26.74 -18.44 -1.02
C PHE A 186 25.95 -17.41 -1.84
N LEU A 187 26.67 -16.41 -2.34
CA LEU A 187 26.23 -15.65 -3.51
C LEU A 187 26.51 -16.51 -4.73
N ILE A 188 25.45 -16.85 -5.45
CA ILE A 188 25.55 -17.56 -6.72
C ILE A 188 24.91 -16.64 -7.75
N TYR A 189 25.49 -16.59 -8.93
CA TYR A 189 25.10 -15.58 -9.91
C TYR A 189 25.15 -16.19 -11.31
N LYS A 190 24.03 -16.81 -11.65
CA LYS A 190 23.85 -17.43 -12.96
C LYS A 190 22.83 -16.63 -13.76
N ASP A 191 22.84 -16.77 -15.08
CA ASP A 191 21.99 -15.97 -15.93
C ASP A 191 20.53 -15.94 -15.47
N GLN A 192 20.02 -17.10 -15.06
CA GLN A 192 18.65 -17.25 -14.59
C GLN A 192 18.54 -17.81 -13.16
N TYR A 193 19.56 -17.57 -12.36
CA TYR A 193 19.52 -17.96 -10.95
C TYR A 193 20.49 -17.11 -10.16
N LEU A 194 19.95 -16.13 -9.44
CA LEU A 194 20.73 -15.33 -8.49
C LEU A 194 20.31 -15.78 -7.11
N GLN A 195 21.30 -16.08 -6.27
CA GLN A 195 21.06 -16.51 -4.89
C GLN A 195 21.83 -15.59 -3.97
N LEU A 196 21.11 -14.96 -3.04
CA LEU A 196 21.69 -14.05 -2.07
C LEU A 196 21.08 -14.35 -0.71
N SER A 197 21.92 -14.56 0.30
CA SER A 197 21.48 -15.02 1.60
C SER A 197 22.06 -14.16 2.73
N SER A 198 21.25 -13.89 3.74
CA SER A 198 21.71 -13.25 4.98
C SER A 198 21.27 -14.06 6.19
N SER A 199 22.17 -14.22 7.16
CA SER A 199 21.76 -14.73 8.45
C SER A 199 20.98 -13.63 9.18
N LEU A 200 20.19 -14.04 10.16
CA LEU A 200 19.41 -13.10 10.96
C LEU A 200 19.41 -13.61 12.39
N PRO A 201 19.33 -12.71 13.38
CA PRO A 201 19.19 -13.15 14.78
C PRO A 201 17.74 -13.55 14.99
N ALA A 202 17.50 -14.85 15.11
CA ALA A 202 16.15 -15.41 15.05
C ALA A 202 15.16 -14.82 16.04
N GLN A 203 15.56 -14.57 17.27
CA GLN A 203 14.63 -14.05 18.26
C GLN A 203 14.50 -12.52 18.15
N GLN A 204 15.52 -11.85 17.63
CA GLN A 204 15.53 -10.40 17.69
C GLN A 204 15.00 -9.74 16.45
N ALA A 205 15.12 -10.41 15.30
CA ALA A 205 14.69 -9.83 14.03
C ALA A 205 13.23 -10.17 13.77
N HIS A 206 12.41 -9.14 13.62
CA HIS A 206 11.00 -9.25 13.32
C HIS A 206 10.80 -8.67 11.94
N LEU A 207 10.41 -9.52 10.99
CA LEU A 207 10.35 -9.11 9.57
C LEU A 207 8.91 -8.95 9.09
N TYR A 208 8.74 -7.99 8.18
CA TYR A 208 7.43 -7.66 7.62
C TYR A 208 7.60 -7.32 6.14
N GLY A 209 6.70 -7.81 5.31
CA GLY A 209 6.63 -7.38 3.92
C GLY A 209 6.64 -8.51 2.91
N LEU A 210 7.46 -8.33 1.88
CA LEU A 210 7.66 -9.32 0.81
C LEU A 210 6.34 -9.76 0.20
N GLY A 211 5.58 -8.79 -0.27
CA GLY A 211 4.24 -9.04 -0.79
C GLY A 211 4.24 -9.48 -2.23
N GLU A 212 3.09 -9.91 -2.75
CA GLU A 212 1.80 -9.89 -2.08
C GLU A 212 1.33 -11.31 -1.72
N HIS A 213 1.00 -11.53 -0.45
CA HIS A 213 0.54 -12.83 0.06
C HIS A 213 -0.43 -12.62 1.18
N THR A 214 -1.48 -13.43 1.20
CA THR A 214 -2.39 -13.49 2.32
C THR A 214 -1.81 -14.36 3.42
N LYS A 215 -1.80 -13.81 4.62
CA LYS A 215 -1.27 -14.49 5.81
C LYS A 215 -2.11 -14.14 7.02
N PRO A 216 -2.18 -15.05 7.99
CA PRO A 216 -2.92 -14.75 9.23
C PRO A 216 -2.15 -13.81 10.15
N THR A 217 -0.84 -13.66 9.94
CA THR A 217 -0.05 -12.75 10.73
C THR A 217 0.58 -11.66 9.86
N PHE A 218 0.82 -10.51 10.48
CA PHE A 218 1.53 -9.41 9.85
C PHE A 218 3.03 -9.67 9.92
N GLN A 219 3.58 -9.84 11.11
CA GLN A 219 4.95 -10.31 11.23
C GLN A 219 5.11 -11.64 10.50
N LEU A 220 6.14 -11.74 9.69
CA LEU A 220 6.37 -12.93 8.89
C LEU A 220 6.69 -14.12 9.78
N ALA A 221 5.93 -15.20 9.61
CA ALA A 221 6.21 -16.45 10.32
C ALA A 221 7.57 -17.04 9.88
N HIS A 222 8.27 -17.67 10.81
CA HIS A 222 9.48 -18.41 10.47
C HIS A 222 9.14 -19.64 9.64
N ASN A 223 10.06 -20.00 8.75
CA ASN A 223 10.03 -21.25 7.98
C ASN A 223 8.96 -21.26 6.91
N GLN A 224 9.15 -20.39 5.93
CA GLN A 224 8.25 -20.29 4.80
C GLN A 224 9.00 -19.81 3.56
N ILE A 225 8.37 -20.00 2.42
CA ILE A 225 8.83 -19.49 1.12
C ILE A 225 7.78 -18.54 0.58
N LEU A 226 8.23 -17.34 0.25
CA LEU A 226 7.36 -16.30 -0.30
C LEU A 226 7.76 -16.11 -1.75
N THR A 227 6.80 -16.33 -2.64
CA THR A 227 7.05 -16.24 -4.07
C THR A 227 6.47 -14.95 -4.63
N LEU A 228 7.26 -14.27 -5.44
CA LEU A 228 6.87 -13.01 -6.06
C LEU A 228 6.79 -13.24 -7.57
N TRP A 229 5.57 -13.31 -8.06
CA TRP A 229 5.31 -13.48 -9.49
C TRP A 229 3.86 -13.13 -9.69
N ASN A 230 3.61 -11.97 -10.28
CA ASN A 230 2.24 -11.45 -10.33
C ASN A 230 1.35 -12.47 -11.04
N ALA A 231 0.24 -12.81 -10.40
CA ALA A 231 -0.60 -13.90 -10.87
C ALA A 231 -2.03 -13.65 -10.45
N ASP A 232 -2.96 -14.07 -11.30
CA ASP A 232 -4.38 -14.00 -11.01
C ASP A 232 -4.75 -15.20 -10.13
N ILE A 233 -4.46 -15.03 -8.86
CA ILE A 233 -4.71 -16.05 -7.84
C ILE A 233 -5.47 -15.35 -6.72
N ALA A 234 -6.55 -15.96 -6.25
CA ALA A 234 -7.46 -15.29 -5.33
C ALA A 234 -6.82 -15.11 -3.97
N SER A 235 -7.03 -13.94 -3.37
CA SER A 235 -6.47 -13.66 -2.07
C SER A 235 -7.15 -14.41 -0.92
N PHE A 236 -8.24 -15.12 -1.20
CA PHE A 236 -8.77 -16.05 -0.20
C PHE A 236 -7.85 -17.27 0.00
N ASN A 237 -6.89 -17.46 -0.91
CA ASN A 237 -5.84 -18.48 -0.73
C ASN A 237 -4.70 -17.95 0.13
N ARG A 238 -4.45 -18.59 1.26
CA ARG A 238 -3.28 -18.27 2.05
C ARG A 238 -1.99 -18.61 1.30
N ASP A 239 -0.93 -17.86 1.58
CA ASP A 239 0.45 -18.19 1.23
C ASP A 239 0.87 -17.93 -0.23
N LEU A 240 -0.03 -18.23 -1.16
CA LEU A 240 0.33 -18.21 -2.58
C LEU A 240 0.73 -16.82 -3.06
N ASN A 241 1.53 -16.77 -4.10
CA ASN A 241 1.81 -15.52 -4.77
C ASN A 241 0.53 -14.95 -5.35
N LEU A 242 0.30 -13.66 -5.13
CA LEU A 242 -0.91 -13.01 -5.63
C LEU A 242 -0.58 -12.01 -6.73
N TYR A 243 -1.35 -10.93 -6.79
CA TYR A 243 -1.38 -10.05 -7.96
C TYR A 243 -0.18 -9.14 -8.09
N GLY A 244 0.53 -8.93 -6.98
CA GLY A 244 1.59 -7.95 -6.91
C GLY A 244 2.86 -8.52 -6.33
N SER A 245 3.96 -7.78 -6.53
CA SER A 245 5.29 -8.20 -6.12
C SER A 245 6.01 -6.99 -5.49
N HIS A 246 6.39 -7.13 -4.23
CA HIS A 246 6.99 -6.05 -3.45
C HIS A 246 8.19 -6.59 -2.69
N PRO A 247 9.37 -6.60 -3.34
CA PRO A 247 10.55 -7.25 -2.74
C PRO A 247 11.27 -6.37 -1.69
N PHE A 248 10.47 -5.93 -0.72
CA PHE A 248 10.89 -5.08 0.38
C PHE A 248 10.55 -5.78 1.68
N TYR A 249 11.46 -5.74 2.64
CA TYR A 249 11.09 -6.08 3.99
C TYR A 249 11.58 -5.06 4.98
N MET A 250 10.80 -4.92 6.06
CA MET A 250 11.19 -4.16 7.26
C MET A 250 11.64 -5.14 8.32
N ASP A 251 12.70 -4.79 9.03
CA ASP A 251 13.29 -5.65 10.07
C ASP A 251 13.38 -4.80 11.34
N VAL A 252 12.50 -5.10 12.30
CA VAL A 252 12.44 -4.41 13.58
C VAL A 252 13.14 -5.29 14.59
N ARG A 253 14.14 -4.71 15.27
CA ARG A 253 14.93 -5.45 16.24
C ARG A 253 14.47 -5.18 17.67
N SER A 254 14.27 -6.25 18.45
CA SER A 254 13.89 -6.08 19.85
C SER A 254 15.09 -5.75 20.74
N SER A 255 16.28 -6.04 20.25
CA SER A 255 17.53 -5.68 20.93
C SER A 255 18.67 -5.84 19.93
N PRO A 256 19.86 -5.26 20.22
N PRO A 256 19.78 -5.10 20.10
CA PRO A 256 20.31 -4.65 21.48
CA PRO A 256 19.99 -4.02 21.05
C PRO A 256 19.58 -3.38 21.91
C PRO A 256 19.30 -2.72 20.63
N MET A 257 19.11 -2.60 20.94
N MET A 257 18.89 -1.92 21.62
CA MET A 257 18.36 -1.38 21.18
CA MET A 257 18.19 -0.67 21.36
C MET A 257 16.93 -1.60 20.69
C MET A 257 16.83 -0.98 20.75
N VAL A 258 15.97 -1.53 21.59
CA VAL A 258 14.62 -1.94 21.23
C VAL A 258 13.97 -0.97 20.24
N GLY A 259 13.38 -1.54 19.18
CA GLY A 259 12.68 -0.74 18.18
C GLY A 259 13.56 -0.27 17.04
N SER A 260 14.85 -0.58 17.08
N SER A 260 14.84 -0.59 17.07
CA SER A 260 15.75 -0.22 16.01
CA SER A 260 15.76 -0.20 16.00
C SER A 260 15.34 -0.96 14.76
C SER A 260 15.42 -0.96 14.72
N THR A 261 15.06 -0.21 13.69
CA THR A 261 14.44 -0.76 12.51
C THR A 261 15.22 -0.36 11.27
N HIS A 262 15.31 -1.28 10.33
CA HIS A 262 15.90 -0.98 9.03
C HIS A 262 15.04 -1.60 7.95
N GLY A 263 15.32 -1.22 6.71
CA GLY A 263 14.60 -1.79 5.56
C GLY A 263 15.58 -2.37 4.57
N VAL A 264 15.12 -3.36 3.82
CA VAL A 264 15.93 -4.03 2.81
C VAL A 264 15.07 -4.22 1.55
N PHE A 265 15.57 -3.70 0.43
CA PHE A 265 14.82 -3.72 -0.83
C PHE A 265 15.70 -4.26 -1.93
N LEU A 266 15.19 -5.25 -2.66
CA LEU A 266 15.89 -5.77 -3.81
C LEU A 266 15.17 -5.28 -5.05
N LEU A 267 15.79 -4.35 -5.75
CA LEU A 267 15.16 -3.68 -6.87
C LEU A 267 15.29 -4.55 -8.12
N ASN A 268 14.36 -5.48 -8.24
CA ASN A 268 14.42 -6.54 -9.24
C ASN A 268 12.98 -6.95 -9.55
N SER A 269 12.66 -6.99 -10.85
CA SER A 269 11.30 -7.29 -11.33
C SER A 269 11.11 -8.73 -11.78
N ASN A 270 12.15 -9.57 -11.65
CA ASN A 270 12.03 -10.97 -12.04
C ASN A 270 11.32 -11.81 -11.00
N GLY A 271 10.81 -12.95 -11.43
CA GLY A 271 10.27 -13.92 -10.50
C GLY A 271 11.29 -14.32 -9.46
N MET A 272 10.83 -14.54 -8.23
CA MET A 272 11.72 -15.01 -7.18
C MET A 272 10.97 -15.77 -6.10
N ASP A 273 11.73 -16.64 -5.43
CA ASP A 273 11.36 -17.21 -4.14
C ASP A 273 12.23 -16.56 -3.07
N VAL A 274 11.63 -16.24 -1.95
CA VAL A 274 12.38 -15.74 -0.79
C VAL A 274 12.07 -16.69 0.37
N GLU A 275 13.08 -17.43 0.80
N GLU A 275 13.10 -17.38 0.83
CA GLU A 275 12.90 -18.39 1.89
CA GLU A 275 12.99 -18.39 1.87
C GLU A 275 13.41 -17.81 3.20
C GLU A 275 13.43 -17.80 3.20
N TYR A 276 12.53 -17.80 4.18
CA TYR A 276 12.80 -17.21 5.48
C TYR A 276 12.68 -18.29 6.55
N THR A 277 13.78 -18.57 7.24
CA THR A 277 13.80 -19.64 8.22
C THR A 277 13.96 -19.13 9.65
N GLY A 278 13.82 -17.82 9.86
CA GLY A 278 14.02 -17.23 11.17
C GLY A 278 15.46 -16.83 11.40
N ASP A 279 16.40 -17.77 11.21
CA ASP A 279 17.81 -17.45 11.35
C ASP A 279 18.50 -17.16 10.02
N ARG A 280 17.73 -17.12 8.93
CA ARG A 280 18.29 -16.82 7.63
C ARG A 280 17.19 -16.39 6.66
N ILE A 281 17.58 -15.58 5.68
CA ILE A 281 16.68 -15.23 4.59
C ILE A 281 17.48 -15.34 3.30
N THR A 282 16.88 -15.98 2.30
CA THR A 282 17.56 -16.24 1.04
C THR A 282 16.67 -15.91 -0.16
N TYR A 283 17.18 -15.04 -1.03
CA TYR A 283 16.55 -14.72 -2.30
C TYR A 283 17.03 -15.71 -3.35
N LYS A 284 16.11 -16.23 -4.15
CA LYS A 284 16.42 -17.08 -5.32
C LYS A 284 15.63 -16.47 -6.47
N VAL A 285 16.35 -15.78 -7.33
CA VAL A 285 15.77 -14.86 -8.31
C VAL A 285 16.11 -15.35 -9.71
N ILE A 286 15.16 -15.32 -10.63
CA ILE A 286 15.39 -16.00 -11.92
C ILE A 286 15.90 -15.09 -13.06
N GLY A 287 16.34 -13.90 -12.71
CA GLY A 287 17.00 -13.04 -13.69
C GLY A 287 17.37 -11.70 -13.11
N GLY A 288 17.78 -10.79 -13.99
CA GLY A 288 18.13 -9.46 -13.57
C GLY A 288 19.45 -9.41 -12.83
N ILE A 289 19.57 -8.43 -11.93
CA ILE A 289 20.80 -8.26 -11.15
C ILE A 289 20.48 -8.15 -9.66
N ILE A 290 21.52 -8.08 -8.85
CA ILE A 290 21.34 -7.72 -7.45
C ILE A 290 21.52 -6.21 -7.33
N ASP A 291 20.48 -5.53 -6.90
CA ASP A 291 20.55 -4.11 -6.64
C ASP A 291 19.82 -3.93 -5.33
N LEU A 292 20.60 -3.97 -4.26
CA LEU A 292 20.08 -4.11 -2.91
C LEU A 292 20.23 -2.82 -2.16
N TYR A 293 19.14 -2.32 -1.61
CA TYR A 293 19.15 -1.09 -0.83
C TYR A 293 18.86 -1.40 0.64
N ILE A 294 19.69 -0.85 1.52
CA ILE A 294 19.50 -0.94 2.96
C ILE A 294 19.20 0.44 3.49
N PHE A 295 18.06 0.57 4.19
CA PHE A 295 17.61 1.85 4.73
C PHE A 295 17.84 1.83 6.24
N ALA A 296 18.60 2.81 6.73
CA ALA A 296 19.06 2.81 8.11
C ALA A 296 18.01 3.00 9.22
N GLY A 297 16.82 3.50 8.89
CA GLY A 297 15.85 3.84 9.92
C GLY A 297 16.39 5.01 10.74
N ARG A 298 16.45 4.95 12.08
CA ARG A 298 16.24 3.76 12.90
C ARG A 298 14.80 3.51 13.37
N THR A 299 13.89 4.43 13.13
CA THR A 299 12.50 4.18 13.50
C THR A 299 11.77 3.59 12.29
N PRO A 300 10.66 2.89 12.57
CA PRO A 300 9.89 2.37 11.44
C PRO A 300 9.46 3.46 10.46
N GLU A 301 9.01 4.60 10.97
CA GLU A 301 8.57 5.66 10.06
C GLU A 301 9.74 6.20 9.23
N MET A 302 10.93 6.29 9.81
N MET A 302 10.93 6.29 9.81
CA MET A 302 12.09 6.72 9.03
CA MET A 302 12.08 6.73 9.01
C MET A 302 12.40 5.75 7.89
C MET A 302 12.40 5.75 7.88
N VAL A 303 12.29 4.46 8.15
CA VAL A 303 12.50 3.46 7.11
C VAL A 303 11.54 3.69 5.95
N LEU A 304 10.27 3.94 6.21
CA LEU A 304 9.36 4.18 5.09
C LEU A 304 9.58 5.50 4.38
N ASP A 305 10.05 6.51 5.10
CA ASP A 305 10.47 7.76 4.46
C ASP A 305 11.60 7.45 3.48
N GLN A 306 12.62 6.74 3.95
CA GLN A 306 13.77 6.39 3.13
C GLN A 306 13.38 5.52 1.92
N TYR A 307 12.53 4.52 2.15
CA TYR A 307 12.10 3.63 1.08
C TYR A 307 11.30 4.36 0.01
N THR A 308 10.31 5.15 0.44
CA THR A 308 9.48 5.87 -0.54
C THR A 308 10.24 7.02 -1.23
N LYS A 309 11.29 7.54 -0.61
CA LYS A 309 12.13 8.48 -1.33
C LYS A 309 12.72 7.83 -2.58
N LEU A 310 13.03 6.53 -2.47
CA LEU A 310 13.56 5.78 -3.60
C LEU A 310 12.47 5.36 -4.60
N ILE A 311 11.43 4.68 -4.12
CA ILE A 311 10.46 4.09 -5.05
C ILE A 311 9.34 5.03 -5.48
N GLY A 312 9.22 6.17 -4.82
CA GLY A 312 8.18 7.14 -5.12
C GLY A 312 7.24 7.38 -3.96
N ARG A 313 6.91 8.64 -3.74
CA ARG A 313 5.99 9.02 -2.67
C ARG A 313 4.56 8.61 -3.04
N PRO A 314 3.79 8.14 -2.04
CA PRO A 314 2.39 7.80 -2.29
C PRO A 314 1.64 8.95 -2.96
N ALA A 315 0.92 8.63 -4.04
CA ALA A 315 0.06 9.58 -4.69
C ALA A 315 -0.96 10.09 -3.72
N PRO A 316 -1.31 11.35 -3.85
CA PRO A 316 -2.45 11.83 -3.07
C PRO A 316 -3.75 11.31 -3.65
N MET A 317 -4.78 11.31 -2.82
CA MET A 317 -6.12 10.89 -3.20
C MET A 317 -7.05 12.09 -3.04
N PRO A 318 -8.05 12.19 -3.92
CA PRO A 318 -9.04 13.26 -3.72
C PRO A 318 -9.89 12.97 -2.49
N TYR A 319 -10.44 14.02 -1.89
CA TYR A 319 -11.15 13.89 -0.64
C TYR A 319 -12.28 12.88 -0.80
N TRP A 320 -12.96 12.90 -1.95
CA TRP A 320 -14.12 12.04 -2.17
C TRP A 320 -13.77 10.57 -2.15
N ALA A 321 -12.52 10.24 -2.45
CA ALA A 321 -12.13 8.83 -2.48
C ALA A 321 -12.17 8.19 -1.09
N PHE A 322 -12.25 9.01 -0.04
CA PHE A 322 -12.43 8.53 1.34
C PHE A 322 -13.87 8.31 1.73
N GLY A 323 -14.82 8.69 0.86
CA GLY A 323 -16.21 8.30 1.08
C GLY A 323 -16.43 6.81 0.83
N PHE A 324 -17.63 6.33 1.11
CA PHE A 324 -17.99 4.94 0.92
C PHE A 324 -18.31 4.63 -0.55
N HIS A 325 -17.80 3.49 -1.03
CA HIS A 325 -17.94 3.03 -2.42
C HIS A 325 -18.79 1.75 -2.47
N GLN A 326 -19.65 1.65 -3.48
CA GLN A 326 -20.45 0.44 -3.70
C GLN A 326 -20.25 -0.11 -5.10
N CYS A 327 -20.08 -1.42 -5.19
CA CYS A 327 -19.85 -2.12 -6.45
C CYS A 327 -20.40 -3.55 -6.36
N ARG A 328 -20.67 -4.14 -7.51
CA ARG A 328 -21.00 -5.55 -7.60
C ARG A 328 -20.75 -6.05 -8.99
N TRP A 329 -20.13 -7.21 -9.12
CA TRP A 329 -20.12 -7.90 -10.39
C TRP A 329 -21.48 -8.54 -10.54
N GLY A 330 -22.25 -8.11 -11.55
CA GLY A 330 -23.56 -8.69 -11.80
C GLY A 330 -24.75 -7.75 -11.79
N TYR A 331 -24.53 -6.47 -11.49
CA TYR A 331 -25.62 -5.50 -11.67
C TYR A 331 -26.09 -5.60 -13.11
N ARG A 332 -27.40 -5.73 -13.31
CA ARG A 332 -27.93 -6.17 -14.59
C ARG A 332 -28.15 -5.04 -15.57
N ASP A 333 -28.50 -3.88 -15.06
CA ASP A 333 -28.86 -2.78 -15.94
C ASP A 333 -28.83 -1.47 -15.18
N VAL A 334 -29.04 -0.38 -15.91
CA VAL A 334 -28.98 0.94 -15.32
C VAL A 334 -30.08 1.10 -14.26
N ASN A 335 -31.23 0.48 -14.47
CA ASN A 335 -32.26 0.55 -13.43
C ASN A 335 -31.78 -0.05 -12.11
N GLU A 336 -31.05 -1.17 -12.16
CA GLU A 336 -30.58 -1.78 -10.92
C GLU A 336 -29.62 -0.86 -10.17
N ILE A 337 -28.65 -0.28 -10.87
CA ILE A 337 -27.69 0.58 -10.18
C ILE A 337 -28.36 1.84 -9.65
N GLU A 338 -29.37 2.37 -10.35
CA GLU A 338 -30.12 3.50 -9.84
C GLU A 338 -30.85 3.12 -8.56
N THR A 339 -31.43 1.94 -8.55
CA THR A 339 -32.18 1.48 -7.39
C THR A 339 -31.27 1.33 -6.17
N VAL A 340 -30.06 0.83 -6.40
CA VAL A 340 -29.09 0.69 -5.32
C VAL A 340 -28.78 2.06 -4.71
N VAL A 341 -28.54 3.04 -5.57
CA VAL A 341 -28.25 4.40 -5.09
C VAL A 341 -29.46 4.94 -4.30
N ASP A 342 -30.66 4.75 -4.83
CA ASP A 342 -31.87 5.20 -4.13
C ASP A 342 -32.03 4.52 -2.78
N LYS A 343 -31.72 3.24 -2.70
CA LYS A 343 -31.93 2.51 -1.46
C LYS A 343 -30.91 2.88 -0.39
N TYR A 344 -29.70 3.22 -0.80
CA TYR A 344 -28.71 3.75 0.15
C TYR A 344 -29.24 5.04 0.75
N ALA A 345 -29.77 5.92 -0.08
CA ALA A 345 -30.28 7.21 0.39
C ALA A 345 -31.47 6.99 1.33
N GLU A 346 -32.38 6.11 0.95
CA GLU A 346 -33.56 5.83 1.76
C GLU A 346 -33.17 5.28 3.15
N ALA A 347 -32.10 4.50 3.19
CA ALA A 347 -31.60 3.93 4.44
C ALA A 347 -30.73 4.91 5.24
N ARG A 348 -30.49 6.08 4.68
CA ARG A 348 -29.66 7.10 5.33
C ARG A 348 -28.24 6.58 5.59
N ILE A 349 -27.74 5.78 4.67
CA ILE A 349 -26.37 5.28 4.73
C ILE A 349 -25.55 6.09 3.73
N PRO A 350 -24.48 6.73 4.18
CA PRO A 350 -23.64 7.48 3.24
C PRO A 350 -23.15 6.64 2.06
N LEU A 351 -23.30 7.17 0.85
CA LEU A 351 -22.76 6.54 -0.35
C LEU A 351 -22.14 7.64 -1.20
N GLU A 352 -20.85 7.52 -1.50
CA GLU A 352 -20.14 8.56 -2.22
C GLU A 352 -20.00 8.20 -3.70
N VAL A 353 -19.74 6.92 -3.97
CA VAL A 353 -19.31 6.51 -5.32
C VAL A 353 -20.00 5.23 -5.72
N MET A 354 -20.64 5.24 -6.88
CA MET A 354 -21.24 4.06 -7.43
C MET A 354 -20.34 3.56 -8.55
N TRP A 355 -20.11 2.24 -8.54
CA TRP A 355 -19.21 1.60 -9.50
C TRP A 355 -19.97 0.67 -10.41
N THR A 356 -19.49 0.51 -11.63
CA THR A 356 -19.98 -0.54 -12.52
C THR A 356 -18.84 -1.45 -12.95
N ASP A 357 -19.08 -2.75 -12.76
CA ASP A 357 -18.19 -3.81 -13.20
C ASP A 357 -18.51 -4.13 -14.68
N ILE A 358 -17.96 -5.22 -15.19
CA ILE A 358 -17.93 -5.49 -16.62
C ILE A 358 -19.33 -5.66 -17.25
N ASP A 359 -20.35 -5.78 -16.42
CA ASP A 359 -21.73 -5.72 -16.86
C ASP A 359 -22.04 -4.53 -17.77
N TYR A 360 -21.42 -3.38 -17.52
CA TYR A 360 -21.79 -2.17 -18.27
C TYR A 360 -21.41 -2.24 -19.75
N MET A 361 -20.43 -3.08 -20.07
CA MET A 361 -19.84 -3.11 -21.41
C MET A 361 -20.70 -3.85 -22.41
N ASP A 362 -20.48 -3.57 -23.69
CA ASP A 362 -21.07 -4.37 -24.77
C ASP A 362 -20.24 -5.65 -24.88
N ALA A 363 -20.78 -6.76 -24.38
CA ALA A 363 -20.15 -8.06 -24.45
C ALA A 363 -18.70 -8.02 -23.91
N PHE A 364 -18.57 -7.36 -22.77
CA PHE A 364 -17.32 -7.38 -22.00
C PHE A 364 -16.16 -6.67 -22.71
N LYS A 365 -16.48 -5.75 -23.61
CA LYS A 365 -15.45 -4.93 -24.27
C LYS A 365 -15.25 -3.55 -23.64
N ASP A 366 -14.00 -3.23 -23.31
CA ASP A 366 -13.63 -1.90 -22.84
C ASP A 366 -14.18 -0.83 -23.79
N PHE A 367 -14.53 0.32 -23.23
CA PHE A 367 -14.86 1.52 -24.01
C PHE A 367 -16.14 1.37 -24.81
N THR A 368 -17.03 0.52 -24.33
CA THR A 368 -18.36 0.34 -24.92
C THR A 368 -19.42 0.24 -23.83
N LEU A 369 -20.68 0.38 -24.22
CA LEU A 369 -21.83 0.22 -23.34
C LEU A 369 -22.78 -0.81 -23.95
N ASP A 370 -23.31 -1.68 -23.11
CA ASP A 370 -24.36 -2.60 -23.51
C ASP A 370 -25.57 -1.78 -23.98
N PRO A 371 -25.92 -1.85 -25.27
CA PRO A 371 -26.97 -0.96 -25.79
C PRO A 371 -28.36 -1.28 -25.28
N VAL A 372 -28.54 -2.48 -24.73
CA VAL A 372 -29.81 -2.88 -24.16
C VAL A 372 -29.89 -2.58 -22.66
N HIS A 373 -28.86 -2.99 -21.93
CA HIS A 373 -28.92 -2.94 -20.47
C HIS A 373 -28.34 -1.67 -19.86
N PHE A 374 -27.36 -1.07 -20.55
CA PHE A 374 -26.73 0.17 -20.06
C PHE A 374 -26.63 1.17 -21.18
N PRO A 375 -27.78 1.51 -21.78
CA PRO A 375 -27.73 2.38 -22.96
C PRO A 375 -27.17 3.75 -22.61
N LEU A 376 -26.47 4.33 -23.59
CA LEU A 376 -25.79 5.60 -23.35
C LEU A 376 -26.69 6.69 -22.77
N ASP A 377 -27.88 6.89 -23.33
CA ASP A 377 -28.69 7.99 -22.84
C ASP A 377 -29.05 7.82 -21.35
N LYS A 378 -29.38 6.60 -20.95
CA LYS A 378 -29.72 6.35 -19.56
C LYS A 378 -28.49 6.45 -18.66
N MET A 379 -27.34 6.00 -19.15
CA MET A 379 -26.12 6.11 -18.36
C MET A 379 -25.70 7.58 -18.16
N GLN A 380 -25.87 8.39 -19.20
CA GLN A 380 -25.60 9.82 -19.09
C GLN A 380 -26.50 10.46 -18.03
N GLN A 381 -27.78 10.10 -18.07
CA GLN A 381 -28.72 10.62 -17.07
C GLN A 381 -28.33 10.16 -15.67
N PHE A 382 -27.93 8.90 -15.53
CA PHE A 382 -27.51 8.33 -14.24
C PHE A 382 -26.30 9.08 -13.66
N VAL A 383 -25.29 9.31 -14.47
CA VAL A 383 -24.09 10.00 -14.00
C VAL A 383 -24.40 11.46 -13.70
N THR A 384 -25.25 12.09 -14.51
CA THR A 384 -25.64 13.47 -14.24
C THR A 384 -26.33 13.55 -12.88
N LYS A 385 -27.18 12.58 -12.59
CA LYS A 385 -27.88 12.56 -11.31
C LYS A 385 -26.90 12.35 -10.16
N LEU A 386 -25.95 11.44 -10.33
CA LEU A 386 -24.94 11.22 -9.29
C LEU A 386 -24.27 12.56 -8.99
N HIS A 387 -23.82 13.21 -10.04
CA HIS A 387 -23.09 14.45 -9.89
C HIS A 387 -23.92 15.55 -9.21
N ARG A 388 -25.19 15.65 -9.58
CA ARG A 388 -26.09 16.62 -8.94
C ARG A 388 -26.24 16.35 -7.45
N ASN A 389 -26.12 15.09 -7.07
CA ASN A 389 -26.28 14.69 -5.68
C ASN A 389 -24.94 14.55 -4.92
N GLY A 390 -23.86 15.06 -5.48
CA GLY A 390 -22.57 15.06 -4.79
C GLY A 390 -21.87 13.72 -4.83
N GLN A 391 -22.27 12.84 -5.73
CA GLN A 391 -21.70 11.50 -5.84
C GLN A 391 -20.87 11.36 -7.09
N ARG A 392 -20.15 10.24 -7.21
CA ARG A 392 -19.20 10.03 -8.29
C ARG A 392 -19.36 8.64 -8.88
N TYR A 393 -18.74 8.43 -10.04
CA TYR A 393 -18.90 7.19 -10.82
C TYR A 393 -17.54 6.65 -11.24
N VAL A 394 -17.31 5.35 -10.97
CA VAL A 394 -16.08 4.67 -11.38
C VAL A 394 -16.41 3.37 -12.15
N PRO A 395 -15.99 3.28 -13.41
CA PRO A 395 -16.10 2.00 -14.15
C PRO A 395 -14.81 1.21 -14.16
N ILE A 396 -14.97 -0.09 -14.39
CA ILE A 396 -13.84 -0.99 -14.59
C ILE A 396 -13.32 -0.96 -16.02
N LEU A 397 -12.01 -1.20 -16.17
CA LEU A 397 -11.38 -1.51 -17.46
C LEU A 397 -10.45 -2.67 -17.26
N ASP A 398 -10.44 -3.58 -18.25
CA ASP A 398 -9.49 -4.69 -18.30
C ASP A 398 -8.43 -4.35 -19.35
N PRO A 399 -7.26 -4.99 -19.32
CA PRO A 399 -6.25 -4.56 -20.30
C PRO A 399 -6.45 -5.18 -21.69
N GLY A 400 -7.00 -6.39 -21.73
CA GLY A 400 -7.14 -7.10 -23.00
C GLY A 400 -8.18 -6.49 -23.90
N ILE A 401 -7.82 -6.27 -25.16
CA ILE A 401 -8.70 -5.69 -26.17
C ILE A 401 -9.19 -6.78 -27.12
N ASN A 402 -10.51 -6.95 -27.16
CA ASN A 402 -11.13 -7.96 -28.01
C ASN A 402 -10.76 -7.72 -29.48
N THR A 403 -10.60 -8.82 -30.22
CA THR A 403 -10.06 -8.78 -31.57
C THR A 403 -11.12 -8.65 -32.67
N ASN A 404 -12.33 -8.20 -32.32
CA ASN A 404 -13.38 -8.04 -33.33
C ASN A 404 -13.07 -6.92 -34.32
N LYS A 405 -13.08 -7.24 -35.61
CA LYS A 405 -12.66 -6.31 -36.63
C LYS A 405 -13.58 -5.09 -36.78
N SER A 406 -14.76 -5.16 -36.17
N SER A 406 -14.78 -5.14 -36.20
CA SER A 406 -15.73 -4.06 -36.22
CA SER A 406 -15.69 -4.01 -36.25
C SER A 406 -15.57 -3.07 -35.06
C SER A 406 -15.77 -3.23 -34.93
N TYR A 407 -14.79 -3.48 -34.06
CA TYR A 407 -14.65 -2.80 -32.79
C TYR A 407 -13.61 -1.69 -32.90
N GLY A 408 -14.04 -0.45 -32.75
CA GLY A 408 -13.18 0.71 -32.97
C GLY A 408 -11.86 0.70 -32.20
N THR A 409 -11.92 0.27 -30.95
CA THR A 409 -10.73 0.24 -30.10
C THR A 409 -9.70 -0.71 -30.69
N PHE A 410 -10.16 -1.87 -31.16
CA PHE A 410 -9.24 -2.82 -31.80
C PHE A 410 -8.63 -2.27 -33.07
N ILE A 411 -9.46 -1.66 -33.91
CA ILE A 411 -9.00 -1.07 -35.15
C ILE A 411 -7.88 -0.06 -34.89
N ARG A 412 -8.12 0.82 -33.92
CA ARG A 412 -7.15 1.85 -33.59
C ARG A 412 -5.90 1.27 -32.97
N GLY A 413 -6.06 0.26 -32.13
CA GLY A 413 -4.91 -0.39 -31.54
C GLY A 413 -4.03 -1.02 -32.60
N MET A 414 -4.64 -1.64 -33.61
N MET A 414 -4.65 -1.66 -33.59
CA MET A 414 -3.86 -2.28 -34.66
CA MET A 414 -3.91 -2.28 -34.68
C MET A 414 -3.20 -1.24 -35.55
C MET A 414 -3.18 -1.21 -35.49
N GLN A 415 -3.89 -0.14 -35.78
CA GLN A 415 -3.34 0.95 -36.60
C GLN A 415 -2.08 1.54 -35.98
N SER A 416 -2.02 1.57 -34.66
CA SER A 416 -0.86 2.12 -33.96
C SER A 416 0.08 1.04 -33.44
N ASN A 417 -0.21 -0.22 -33.78
CA ASN A 417 0.67 -1.34 -33.48
C ASN A 417 1.03 -1.40 -32.00
N VAL A 418 0.00 -1.39 -31.16
CA VAL A 418 0.17 -1.19 -29.72
C VAL A 418 0.29 -2.48 -28.91
N PHE A 419 0.18 -3.64 -29.55
CA PHE A 419 0.02 -4.89 -28.80
C PHE A 419 1.32 -5.67 -28.59
N ILE A 420 1.35 -6.38 -27.46
CA ILE A 420 2.43 -7.29 -27.14
C ILE A 420 2.49 -8.39 -28.19
N LYS A 421 3.70 -8.72 -28.64
CA LYS A 421 3.88 -9.73 -29.68
C LYS A 421 4.55 -10.96 -29.14
N ARG A 422 4.32 -12.08 -29.83
CA ARG A 422 5.09 -13.28 -29.61
C ARG A 422 5.26 -13.95 -30.97
N ASP A 423 6.47 -14.42 -31.24
CA ASP A 423 6.78 -15.02 -32.54
C ASP A 423 6.40 -14.07 -33.69
N GLY A 424 6.53 -12.77 -33.46
CA GLY A 424 6.37 -11.78 -34.51
C GLY A 424 4.96 -11.33 -34.78
N ASN A 425 4.00 -11.88 -34.04
CA ASN A 425 2.59 -11.52 -34.22
C ASN A 425 1.97 -11.20 -32.88
N PRO A 426 0.85 -10.44 -32.88
CA PRO A 426 0.27 -10.11 -31.59
C PRO A 426 -0.08 -11.36 -30.79
N TYR A 427 0.23 -11.35 -29.51
CA TYR A 427 -0.04 -12.48 -28.64
C TYR A 427 -1.53 -12.55 -28.31
N LEU A 428 -2.13 -13.71 -28.55
CA LEU A 428 -3.57 -13.91 -28.41
C LEU A 428 -3.94 -14.61 -27.10
N GLY A 429 -4.56 -13.85 -26.20
CA GLY A 429 -5.03 -14.39 -24.94
C GLY A 429 -6.55 -14.62 -24.95
N SER A 430 -7.06 -15.06 -23.81
CA SER A 430 -8.50 -15.18 -23.57
C SER A 430 -8.85 -14.49 -22.25
N VAL A 431 -9.78 -13.55 -22.27
CA VAL A 431 -10.31 -12.96 -21.05
C VAL A 431 -11.83 -12.81 -21.25
N TRP A 432 -12.48 -11.91 -20.53
CA TRP A 432 -13.95 -11.90 -20.50
C TRP A 432 -14.65 -11.82 -21.86
N PRO A 433 -14.14 -11.01 -22.81
CA PRO A 433 -14.84 -10.97 -24.10
C PRO A 433 -14.44 -12.08 -25.07
N GLY A 434 -13.57 -12.99 -24.63
CA GLY A 434 -13.04 -14.04 -25.47
C GLY A 434 -11.63 -13.67 -25.92
N PRO A 435 -11.35 -13.75 -27.23
CA PRO A 435 -9.99 -13.47 -27.71
C PRO A 435 -9.59 -12.04 -27.50
N VAL A 436 -8.36 -11.82 -27.05
CA VAL A 436 -7.84 -10.48 -26.85
C VAL A 436 -6.39 -10.36 -27.25
N TYR A 437 -5.98 -9.13 -27.56
CA TYR A 437 -4.57 -8.75 -27.58
C TYR A 437 -4.33 -7.80 -26.40
N TYR A 438 -3.10 -7.77 -25.90
CA TYR A 438 -2.77 -6.97 -24.72
C TYR A 438 -1.93 -5.77 -25.12
N PRO A 439 -2.37 -4.56 -24.75
CA PRO A 439 -1.54 -3.38 -25.03
C PRO A 439 -0.21 -3.50 -24.32
N ASP A 440 0.86 -3.07 -24.99
CA ASP A 440 2.19 -3.10 -24.40
C ASP A 440 2.47 -1.80 -23.70
N PHE A 441 2.27 -1.76 -22.38
CA PHE A 441 2.38 -0.50 -21.66
C PHE A 441 3.81 -0.03 -21.47
N LEU A 442 4.77 -0.81 -21.95
CA LEU A 442 6.16 -0.32 -22.06
C LEU A 442 6.37 0.52 -23.33
N ASP A 443 5.42 0.43 -24.26
CA ASP A 443 5.50 1.11 -25.56
C ASP A 443 4.80 2.48 -25.50
N PRO A 444 5.53 3.58 -25.77
CA PRO A 444 4.90 4.90 -25.72
C PRO A 444 3.64 5.00 -26.62
N ALA A 445 3.66 4.31 -27.75
CA ALA A 445 2.51 4.31 -28.64
C ALA A 445 1.28 3.67 -28.00
N ALA A 446 1.48 2.66 -27.17
CA ALA A 446 0.38 2.02 -26.47
C ALA A 446 -0.18 2.95 -25.36
N ARG A 447 0.70 3.65 -24.65
N ARG A 447 0.71 3.64 -24.65
CA ARG A 447 0.24 4.60 -23.66
CA ARG A 447 0.27 4.61 -23.66
C ARG A 447 -0.56 5.73 -24.30
C ARG A 447 -0.59 5.70 -24.33
N SER A 448 -0.13 6.22 -25.47
CA SER A 448 -0.87 7.24 -26.20
C SER A 448 -2.25 6.74 -26.62
N PHE A 449 -2.28 5.50 -27.11
CA PHE A 449 -3.52 4.82 -27.47
C PHE A 449 -4.46 4.73 -26.26
N TRP A 450 -3.92 4.32 -25.13
CA TRP A 450 -4.73 4.15 -23.92
C TRP A 450 -5.32 5.50 -23.51
N VAL A 451 -4.49 6.52 -23.50
CA VAL A 451 -4.95 7.88 -23.19
C VAL A 451 -6.07 8.28 -24.16
N ASP A 452 -5.88 8.04 -25.45
CA ASP A 452 -6.89 8.42 -26.43
C ASP A 452 -8.20 7.65 -26.26
N GLU A 453 -8.15 6.37 -25.93
CA GLU A 453 -9.38 5.60 -25.76
C GLU A 453 -10.16 6.10 -24.54
N ILE A 454 -9.43 6.39 -23.48
CA ILE A 454 -10.05 6.93 -22.27
C ILE A 454 -10.67 8.30 -22.55
N LYS A 455 -9.96 9.15 -23.30
CA LYS A 455 -10.50 10.44 -23.69
C LYS A 455 -11.79 10.26 -24.49
N ARG A 456 -11.75 9.41 -25.51
CA ARG A 456 -12.93 9.18 -26.32
C ARG A 456 -14.13 8.74 -25.49
N PHE A 457 -13.91 7.84 -24.53
CA PHE A 457 -14.99 7.33 -23.72
C PHE A 457 -15.49 8.40 -22.76
N ARG A 458 -14.56 9.11 -22.13
CA ARG A 458 -14.93 10.14 -21.18
C ARG A 458 -15.69 11.28 -21.85
N ASP A 459 -15.41 11.49 -23.14
CA ASP A 459 -16.10 12.54 -23.90
C ASP A 459 -17.55 12.21 -24.11
N ILE A 460 -17.89 10.93 -24.05
CA ILE A 460 -19.25 10.46 -24.26
C ILE A 460 -19.96 10.21 -22.93
N LEU A 461 -19.24 9.65 -21.96
CA LEU A 461 -19.81 9.37 -20.66
C LEU A 461 -18.84 9.83 -19.58
N PRO A 462 -19.24 10.85 -18.80
CA PRO A 462 -18.30 11.34 -17.78
C PRO A 462 -18.01 10.24 -16.76
N ILE A 463 -16.77 10.22 -16.31
CA ILE A 463 -16.35 9.31 -15.24
C ILE A 463 -15.51 10.10 -14.25
N ASP A 464 -15.38 9.57 -13.04
CA ASP A 464 -14.61 10.26 -12.01
C ASP A 464 -13.29 9.59 -11.64
N GLY A 465 -13.12 8.35 -12.08
CA GLY A 465 -11.94 7.57 -11.77
C GLY A 465 -12.06 6.27 -12.52
N ILE A 466 -11.03 5.42 -12.43
CA ILE A 466 -10.99 4.17 -13.17
C ILE A 466 -10.48 3.05 -12.28
N TRP A 467 -11.12 1.89 -12.42
CA TRP A 467 -10.68 0.65 -11.78
C TRP A 467 -10.01 -0.22 -12.85
N ILE A 468 -8.71 -0.44 -12.73
CA ILE A 468 -7.99 -1.33 -13.65
C ILE A 468 -7.74 -2.71 -13.01
N ASP A 469 -8.36 -3.71 -13.63
CA ASP A 469 -8.37 -5.09 -13.13
C ASP A 469 -7.61 -6.01 -14.10
N MET A 470 -7.41 -7.27 -13.68
CA MET A 470 -6.92 -8.33 -14.56
C MET A 470 -5.57 -8.05 -15.18
N ASN A 471 -4.77 -7.25 -14.50
CA ASN A 471 -3.60 -6.63 -15.13
C ASN A 471 -2.29 -7.22 -14.64
N GLU A 472 -2.31 -8.51 -14.33
CA GLU A 472 -1.09 -9.23 -14.00
C GLU A 472 -0.07 -9.44 -15.14
N ALA A 473 -0.43 -9.73 -16.40
CA ALA A 473 -1.77 -9.83 -16.97
C ALA A 473 -2.41 -11.21 -16.80
N SER A 474 -3.71 -11.21 -16.57
CA SER A 474 -4.48 -12.44 -16.48
C SER A 474 -4.83 -12.97 -17.88
N ASN A 475 -4.69 -14.27 -18.06
CA ASN A 475 -5.01 -14.95 -19.29
C ASN A 475 -5.72 -16.23 -18.90
N PHE A 476 -6.84 -16.54 -19.55
CA PHE A 476 -7.59 -17.73 -19.19
C PHE A 476 -7.03 -18.99 -19.83
N ILE A 477 -6.12 -18.83 -20.79
CA ILE A 477 -5.39 -19.98 -21.34
C ILE A 477 -3.91 -19.87 -20.99
N THR A 478 -3.22 -21.01 -21.06
CA THR A 478 -1.79 -21.08 -20.95
C THR A 478 -1.25 -21.55 -22.28
N SER A 479 -0.38 -20.76 -22.89
CA SER A 479 0.20 -21.15 -24.17
C SER A 479 1.29 -22.19 -24.00
N ALA A 480 1.47 -23.03 -25.01
CA ALA A 480 2.57 -23.97 -25.03
C ALA A 480 3.89 -23.22 -25.02
N PRO A 481 4.89 -23.74 -24.31
CA PRO A 481 6.20 -23.08 -24.27
C PRO A 481 6.88 -23.14 -25.63
N THR A 482 7.68 -22.12 -25.94
CA THR A 482 8.45 -22.17 -27.16
C THR A 482 9.51 -23.27 -27.01
N PRO A 483 9.52 -24.26 -27.91
CA PRO A 483 10.50 -25.34 -27.80
C PRO A 483 11.93 -24.85 -27.63
N GLY A 484 12.59 -25.40 -26.62
CA GLY A 484 13.97 -25.08 -26.33
C GLY A 484 14.21 -23.80 -25.55
N SER A 485 13.18 -22.96 -25.37
CA SER A 485 13.40 -21.67 -24.70
C SER A 485 13.56 -21.86 -23.20
N THR A 486 14.66 -21.36 -22.65
CA THR A 486 14.84 -21.41 -21.20
C THR A 486 14.11 -20.26 -20.49
N LEU A 487 13.51 -19.33 -21.26
CA LEU A 487 12.61 -18.34 -20.67
C LEU A 487 11.26 -18.98 -20.36
N ASP A 488 10.70 -19.72 -21.32
CA ASP A 488 9.43 -20.43 -21.08
C ASP A 488 9.61 -21.67 -20.18
N ASN A 489 10.83 -22.17 -20.11
CA ASN A 489 11.19 -23.36 -19.33
C ASN A 489 12.46 -23.07 -18.51
N PRO A 490 12.32 -22.24 -17.47
CA PRO A 490 13.53 -21.79 -16.75
C PRO A 490 14.16 -22.89 -15.91
N PRO A 491 15.48 -22.84 -15.73
CA PRO A 491 16.15 -23.93 -15.03
C PRO A 491 15.78 -24.03 -13.55
N TYR A 492 15.49 -22.91 -12.90
CA TYR A 492 14.99 -22.92 -11.53
C TYR A 492 13.53 -22.52 -11.56
N LYS A 493 12.69 -23.40 -11.02
CA LYS A 493 11.25 -23.19 -10.94
C LYS A 493 10.86 -22.51 -9.63
N ILE A 494 10.35 -21.29 -9.72
CA ILE A 494 9.81 -20.64 -8.53
C ILE A 494 8.49 -21.30 -8.11
N ASN A 495 8.06 -21.05 -6.88
CA ASN A 495 6.93 -21.78 -6.32
C ASN A 495 5.59 -21.14 -6.68
N ASN A 496 5.41 -20.90 -7.97
CA ASN A 496 4.19 -20.29 -8.49
C ASN A 496 2.98 -21.13 -8.11
N SER A 497 1.99 -20.45 -7.52
CA SER A 497 0.73 -21.01 -7.04
C SER A 497 0.92 -22.16 -6.04
N GLY A 498 2.06 -22.18 -5.37
CA GLY A 498 2.33 -23.17 -4.36
C GLY A 498 2.61 -24.56 -4.92
N GLY A 499 2.76 -24.68 -6.23
CA GLY A 499 2.96 -25.97 -6.86
C GLY A 499 4.06 -26.05 -7.89
N ARG A 500 5.01 -25.12 -7.80
CA ARG A 500 6.10 -25.03 -8.77
C ARG A 500 5.52 -25.01 -10.20
N VAL A 501 4.40 -24.27 -10.37
CA VAL A 501 3.69 -24.26 -11.63
C VAL A 501 4.45 -23.34 -12.60
N PRO A 502 4.52 -23.71 -13.89
CA PRO A 502 5.32 -22.90 -14.82
C PRO A 502 4.90 -21.43 -14.81
N ILE A 503 5.88 -20.54 -14.90
CA ILE A 503 5.62 -19.11 -14.85
C ILE A 503 4.61 -18.61 -15.89
N ASN A 504 4.46 -19.32 -17.02
CA ASN A 504 3.54 -18.86 -18.05
C ASN A 504 2.08 -19.22 -17.80
N SER A 505 1.81 -19.92 -16.70
N SER A 505 1.81 -19.91 -16.70
CA SER A 505 0.46 -20.34 -16.38
CA SER A 505 0.48 -20.37 -16.38
C SER A 505 -0.49 -19.17 -16.29
C SER A 505 -0.52 -19.22 -16.25
N LYS A 506 -1.53 -19.22 -17.11
CA LYS A 506 -2.61 -18.25 -17.03
C LYS A 506 -2.14 -16.81 -17.09
N THR A 507 -1.16 -16.58 -17.94
CA THR A 507 -0.64 -15.24 -18.17
C THR A 507 -0.07 -15.16 -19.59
N ILE A 508 0.69 -14.09 -19.84
CA ILE A 508 1.39 -13.91 -21.10
C ILE A 508 2.72 -14.68 -21.04
N PRO A 509 3.06 -15.47 -22.08
CA PRO A 509 4.29 -16.26 -22.02
C PRO A 509 5.56 -15.41 -21.94
N ALA A 510 6.55 -15.94 -21.23
CA ALA A 510 7.82 -15.26 -20.99
C ALA A 510 8.54 -14.85 -22.27
N THR A 511 8.33 -15.58 -23.36
CA THR A 511 8.95 -15.27 -24.64
C THR A 511 8.25 -14.16 -25.42
N ALA A 512 7.10 -13.68 -24.95
CA ALA A 512 6.48 -12.51 -25.56
C ALA A 512 7.41 -11.31 -25.43
N MET A 513 7.28 -10.38 -26.36
N MET A 513 7.27 -10.37 -26.35
CA MET A 513 8.18 -9.25 -26.46
CA MET A 513 8.21 -9.26 -26.49
C MET A 513 7.47 -7.93 -26.21
C MET A 513 7.53 -7.91 -26.36
N HIS A 514 8.26 -6.98 -25.75
CA HIS A 514 7.83 -5.62 -25.48
C HIS A 514 8.76 -4.64 -26.15
N TYR A 515 8.32 -3.40 -26.23
CA TYR A 515 9.08 -2.28 -26.73
C TYR A 515 10.52 -2.32 -26.21
N GLY A 516 11.47 -2.10 -27.11
CA GLY A 516 12.88 -2.14 -26.76
C GLY A 516 13.47 -3.54 -26.73
N ASN A 517 12.79 -4.48 -27.37
CA ASN A 517 13.20 -5.88 -27.35
C ASN A 517 13.33 -6.42 -25.93
N VAL A 518 12.37 -6.07 -25.10
CA VAL A 518 12.32 -6.51 -23.73
C VAL A 518 11.40 -7.72 -23.63
N THR A 519 11.84 -8.75 -22.94
CA THR A 519 11.05 -9.97 -22.80
C THR A 519 10.02 -9.83 -21.69
N GLU A 520 8.90 -10.52 -21.87
CA GLU A 520 7.92 -10.68 -20.80
C GLU A 520 8.58 -11.32 -19.57
N TYR A 521 9.53 -12.23 -19.79
CA TYR A 521 10.28 -12.84 -18.68
C TYR A 521 10.73 -11.75 -17.69
N ASN A 522 11.32 -10.68 -18.23
CA ASN A 522 11.86 -9.61 -17.40
C ASN A 522 10.83 -8.57 -16.96
N ALA A 523 9.86 -8.28 -17.83
CA ALA A 523 8.92 -7.16 -17.63
C ALA A 523 7.57 -7.55 -17.04
N HIS A 524 7.29 -8.84 -16.94
CA HIS A 524 6.01 -9.35 -16.44
C HIS A 524 5.51 -8.63 -15.21
N ASN A 525 6.33 -8.55 -14.17
CA ASN A 525 5.90 -7.98 -12.90
C ASN A 525 5.65 -6.47 -12.96
N LEU A 526 6.02 -5.83 -14.07
CA LEU A 526 5.78 -4.40 -14.23
C LEU A 526 4.46 -4.07 -14.94
N TYR A 527 3.74 -5.08 -15.45
CA TYR A 527 2.61 -4.76 -16.33
C TYR A 527 1.53 -3.90 -15.65
N GLY A 528 1.08 -4.33 -14.47
CA GLY A 528 0.04 -3.59 -13.77
C GLY A 528 0.50 -2.18 -13.42
N PHE A 529 1.74 -2.08 -12.95
CA PHE A 529 2.39 -0.82 -12.59
C PHE A 529 2.39 0.10 -13.82
N LEU A 530 2.81 -0.41 -14.98
CA LEU A 530 2.88 0.40 -16.21
C LEU A 530 1.50 0.82 -16.66
N GLU A 531 0.55 -0.10 -16.57
CA GLU A 531 -0.82 0.26 -16.90
C GLU A 531 -1.32 1.37 -15.95
N SER A 532 -0.93 1.30 -14.69
CA SER A 532 -1.32 2.32 -13.72
C SER A 532 -0.75 3.70 -14.08
N GLN A 533 0.52 3.73 -14.48
CA GLN A 533 1.13 4.98 -14.92
C GLN A 533 0.34 5.53 -16.13
N ALA A 534 0.03 4.69 -17.09
CA ALA A 534 -0.68 5.13 -18.29
C ALA A 534 -2.09 5.61 -17.99
N THR A 535 -2.77 4.92 -17.08
CA THR A 535 -4.15 5.24 -16.74
C THR A 535 -4.20 6.56 -15.97
N ARG A 536 -3.28 6.77 -15.03
CA ARG A 536 -3.23 8.03 -14.32
C ARG A 536 -2.96 9.17 -15.30
N GLU A 537 -2.04 8.97 -16.24
CA GLU A 537 -1.76 9.99 -17.24
C GLU A 537 -3.04 10.31 -18.05
N ALA A 538 -3.79 9.28 -18.41
CA ALA A 538 -5.02 9.46 -19.18
C ALA A 538 -6.02 10.33 -18.42
N LEU A 539 -6.15 10.08 -17.12
CA LEU A 539 -7.06 10.84 -16.28
C LEU A 539 -6.60 12.30 -16.13
N VAL A 540 -5.31 12.49 -15.91
CA VAL A 540 -4.74 13.83 -15.75
C VAL A 540 -4.89 14.65 -17.03
N ARG A 541 -4.79 14.00 -18.18
CA ARG A 541 -4.93 14.71 -19.44
C ARG A 541 -6.38 15.06 -19.78
N THR A 542 -7.33 14.46 -19.08
CA THR A 542 -8.75 14.67 -19.40
C THR A 542 -9.55 15.35 -18.29
N SER A 543 -8.89 15.71 -17.20
CA SER A 543 -9.52 16.43 -16.10
C SER A 543 -8.43 17.08 -15.29
N ASN A 544 -8.64 18.34 -14.87
CA ASN A 544 -7.67 19.00 -14.01
C ASN A 544 -7.83 18.66 -12.53
N GLU A 545 -8.76 17.76 -12.19
CA GLU A 545 -8.87 17.30 -10.81
C GLU A 545 -7.80 16.28 -10.46
N ARG A 546 -7.46 16.21 -9.18
CA ARG A 546 -6.65 15.09 -8.68
C ARG A 546 -7.35 13.80 -9.04
N PRO A 547 -6.67 12.87 -9.72
CA PRO A 547 -7.34 11.65 -10.19
C PRO A 547 -7.44 10.57 -9.13
N PHE A 548 -8.24 9.56 -9.46
CA PHE A 548 -8.39 8.37 -8.61
C PHE A 548 -8.41 7.12 -9.47
N LEU A 549 -7.51 6.19 -9.18
CA LEU A 549 -7.57 4.87 -9.77
C LEU A 549 -7.26 3.79 -8.75
N LEU A 550 -7.83 2.63 -9.03
CA LEU A 550 -7.66 1.42 -8.24
C LEU A 550 -7.10 0.34 -9.16
N SER A 551 -5.99 -0.29 -8.77
CA SER A 551 -5.36 -1.31 -9.58
C SER A 551 -5.24 -2.64 -8.84
N ARG A 552 -5.43 -3.73 -9.58
CA ARG A 552 -5.24 -5.04 -8.96
C ARG A 552 -3.77 -5.40 -8.86
N SER A 553 -3.09 -5.52 -10.00
CA SER A 553 -1.68 -5.89 -10.00
C SER A 553 -0.83 -4.66 -9.70
N THR A 554 0.21 -4.87 -8.91
CA THR A 554 1.11 -3.81 -8.50
C THR A 554 2.57 -4.30 -8.44
N PHE A 555 3.48 -3.34 -8.37
CA PHE A 555 4.89 -3.58 -8.14
C PHE A 555 5.36 -2.44 -7.23
N ALA A 556 6.50 -2.62 -6.59
CA ALA A 556 7.11 -1.54 -5.80
C ALA A 556 7.17 -0.26 -6.64
N GLY A 557 6.57 0.80 -6.10
CA GLY A 557 6.45 2.10 -6.78
C GLY A 557 5.05 2.37 -7.29
N SER A 558 4.18 1.34 -7.33
CA SER A 558 2.82 1.54 -7.79
C SER A 558 2.07 2.59 -6.97
N GLY A 559 2.42 2.72 -5.70
CA GLY A 559 1.72 3.67 -4.85
C GLY A 559 1.82 5.12 -5.27
N LYS A 560 2.82 5.44 -6.09
CA LYS A 560 2.96 6.77 -6.66
C LYS A 560 1.87 7.08 -7.68
N TYR A 561 1.12 6.05 -8.08
CA TYR A 561 0.11 6.19 -9.14
C TYR A 561 -1.30 5.74 -8.78
N THR A 562 -1.45 4.84 -7.81
CA THR A 562 -2.73 4.18 -7.66
C THR A 562 -3.02 3.66 -6.26
N ALA A 563 -4.31 3.49 -5.99
CA ALA A 563 -4.78 2.67 -4.87
C ALA A 563 -4.77 1.19 -5.23
N HIS A 564 -4.95 0.34 -4.22
CA HIS A 564 -5.05 -1.11 -4.44
C HIS A 564 -6.11 -1.66 -3.49
N TRP A 565 -6.69 -2.81 -3.83
CA TRP A 565 -7.57 -3.53 -2.91
C TRP A 565 -7.09 -4.97 -2.87
N THR A 566 -7.49 -5.73 -1.86
CA THR A 566 -6.87 -7.04 -1.66
C THR A 566 -7.30 -8.10 -2.67
N GLY A 567 -8.22 -7.75 -3.57
CA GLY A 567 -8.58 -8.65 -4.66
C GLY A 567 -9.70 -9.61 -4.32
N ASP A 568 -9.61 -10.82 -4.85
CA ASP A 568 -10.69 -11.79 -4.68
C ASP A 568 -10.57 -12.52 -3.34
N ASN A 569 -11.02 -11.82 -2.30
CA ASN A 569 -11.17 -12.42 -0.98
C ASN A 569 -12.49 -13.17 -0.95
N ALA A 570 -12.85 -13.71 0.20
CA ALA A 570 -14.07 -14.49 0.32
C ALA A 570 -14.85 -14.02 1.55
N ALA A 571 -16.14 -14.33 1.54
CA ALA A 571 -17.04 -14.02 2.63
C ALA A 571 -16.84 -15.06 3.74
N ARG A 572 -15.69 -14.95 4.39
CA ARG A 572 -15.30 -15.87 5.45
C ARG A 572 -14.73 -15.07 6.61
N TRP A 573 -14.88 -15.58 7.81
CA TRP A 573 -14.31 -14.93 8.98
C TRP A 573 -12.77 -14.86 8.88
N ASP A 574 -12.15 -15.88 8.30
CA ASP A 574 -10.70 -15.83 8.12
C ASP A 574 -10.31 -14.61 7.32
N ASP A 575 -10.99 -14.37 6.20
CA ASP A 575 -10.64 -13.25 5.31
C ASP A 575 -10.88 -11.89 5.96
N LEU A 576 -11.88 -11.82 6.82
CA LEU A 576 -12.14 -10.59 7.58
C LEU A 576 -10.85 -10.20 8.31
N GLN A 577 -10.24 -11.17 8.99
CA GLN A 577 -9.00 -10.92 9.69
C GLN A 577 -7.81 -10.72 8.73
N TYR A 578 -7.72 -11.51 7.67
CA TYR A 578 -6.62 -11.37 6.73
C TYR A 578 -6.50 -9.96 6.16
N SER A 579 -7.62 -9.25 6.09
CA SER A 579 -7.59 -7.89 5.56
C SER A 579 -6.67 -6.98 6.35
N ILE A 580 -6.44 -7.28 7.63
CA ILE A 580 -5.63 -6.41 8.48
C ILE A 580 -4.14 -6.53 8.15
N PRO A 581 -3.55 -7.74 8.19
CA PRO A 581 -2.16 -7.81 7.72
C PRO A 581 -1.94 -7.26 6.31
N THR A 582 -2.88 -7.51 5.40
CA THR A 582 -2.67 -7.01 4.04
C THR A 582 -2.74 -5.48 4.00
N MET A 583 -3.67 -4.88 4.71
CA MET A 583 -3.73 -3.43 4.82
C MET A 583 -2.41 -2.89 5.35
N LEU A 584 -1.91 -3.48 6.43
CA LEU A 584 -0.66 -3.02 7.01
C LEU A 584 0.53 -3.21 6.05
N ASN A 585 0.59 -4.35 5.39
CA ASN A 585 1.63 -4.61 4.41
C ASN A 585 1.66 -3.55 3.31
N PHE A 586 0.50 -3.20 2.74
CA PHE A 586 0.52 -2.24 1.64
C PHE A 586 0.94 -0.84 2.09
N GLY A 587 0.76 -0.51 3.37
CA GLY A 587 1.36 0.71 3.91
C GLY A 587 2.88 0.66 3.80
N LEU A 588 3.47 -0.46 4.23
CA LEU A 588 4.91 -0.64 4.11
C LEU A 588 5.38 -0.57 2.67
N PHE A 589 4.52 -0.98 1.75
CA PHE A 589 4.84 -0.99 0.34
C PHE A 589 4.68 0.37 -0.35
N GLY A 590 4.35 1.39 0.43
CA GLY A 590 4.16 2.73 -0.12
C GLY A 590 2.84 2.90 -0.84
N MET A 591 1.86 2.07 -0.50
CA MET A 591 0.53 2.11 -1.12
C MET A 591 -0.53 2.25 -0.04
N PRO A 592 -0.62 3.45 0.55
CA PRO A 592 -1.47 3.64 1.72
C PRO A 592 -2.98 3.61 1.42
N MET A 593 -3.37 3.71 0.15
CA MET A 593 -4.80 3.72 -0.17
C MET A 593 -5.18 2.27 -0.49
N ILE A 594 -5.55 1.55 0.58
CA ILE A 594 -5.74 0.10 0.56
C ILE A 594 -7.02 -0.25 1.30
N GLY A 595 -7.67 -1.32 0.87
CA GLY A 595 -8.78 -1.90 1.60
C GLY A 595 -9.12 -3.25 1.00
N ALA A 596 -10.11 -3.92 1.59
CA ALA A 596 -10.61 -5.20 1.10
C ALA A 596 -12.10 -5.07 0.81
N ASP A 597 -12.61 -5.95 -0.05
CA ASP A 597 -14.02 -5.98 -0.40
C ASP A 597 -14.87 -6.31 0.82
N ILE A 598 -15.65 -5.33 1.25
CA ILE A 598 -16.40 -5.44 2.48
C ILE A 598 -17.55 -6.42 2.32
N CYS A 599 -17.62 -7.32 3.30
CA CYS A 599 -18.53 -8.48 3.36
C CYS A 599 -18.06 -9.68 2.53
N GLY A 600 -17.02 -9.49 1.73
CA GLY A 600 -16.36 -10.57 1.03
C GLY A 600 -16.76 -10.65 -0.42
N PHE A 601 -15.78 -10.85 -1.30
CA PHE A 601 -16.06 -10.95 -2.73
C PHE A 601 -16.70 -12.29 -3.09
N ALA A 602 -15.97 -13.37 -2.89
CA ALA A 602 -16.44 -14.70 -3.27
C ALA A 602 -17.26 -15.32 -2.15
N GLU A 603 -18.23 -16.15 -2.53
CA GLU A 603 -19.15 -16.87 -1.62
C GLU A 603 -20.17 -15.93 -1.00
N SER A 604 -21.31 -16.48 -0.58
CA SER A 604 -22.35 -15.65 0.01
C SER A 604 -22.03 -15.29 1.45
N THR A 605 -22.22 -14.03 1.76
CA THR A 605 -21.98 -13.52 3.10
C THR A 605 -23.14 -13.87 4.03
N THR A 606 -22.96 -13.61 5.31
CA THR A 606 -24.03 -13.71 6.28
C THR A 606 -24.30 -12.35 6.92
N GLU A 607 -25.47 -12.19 7.53
CA GLU A 607 -25.79 -10.95 8.21
C GLU A 607 -24.73 -10.61 9.26
N GLU A 608 -24.35 -11.58 10.09
CA GLU A 608 -23.39 -11.33 11.14
C GLU A 608 -22.01 -10.96 10.58
N LEU A 609 -21.55 -11.71 9.60
CA LEU A 609 -20.24 -11.46 9.03
C LEU A 609 -20.24 -10.08 8.36
N CYS A 610 -21.29 -9.76 7.64
CA CYS A 610 -21.34 -8.48 6.95
C CYS A 610 -21.42 -7.31 7.95
N ARG A 611 -22.13 -7.53 9.05
N ARG A 611 -22.13 -7.52 9.05
CA ARG A 611 -22.20 -6.54 10.11
CA ARG A 611 -22.19 -6.51 10.11
C ARG A 611 -20.82 -6.27 10.72
C ARG A 611 -20.81 -6.26 10.72
N ARG A 612 -20.11 -7.33 11.10
CA ARG A 612 -18.75 -7.18 11.61
C ARG A 612 -17.79 -6.62 10.54
N TRP A 613 -18.05 -6.89 9.28
CA TRP A 613 -17.15 -6.46 8.22
C TRP A 613 -17.34 -4.96 7.94
N ILE A 614 -18.58 -4.45 7.93
CA ILE A 614 -18.70 -3.00 7.73
C ILE A 614 -18.13 -2.28 8.95
N GLN A 615 -18.27 -2.87 10.14
CA GLN A 615 -17.67 -2.27 11.34
C GLN A 615 -16.16 -2.06 11.17
N LEU A 616 -15.45 -3.10 10.72
CA LEU A 616 -14.01 -2.99 10.45
C LEU A 616 -13.71 -2.12 9.21
N GLY A 617 -14.44 -2.40 8.13
CA GLY A 617 -14.17 -1.83 6.83
C GLY A 617 -14.42 -0.36 6.71
N ALA A 618 -15.27 0.15 7.59
CA ALA A 618 -15.50 1.59 7.68
C ALA A 618 -14.23 2.35 8.09
N PHE A 619 -13.18 1.63 8.48
CA PHE A 619 -11.92 2.28 8.87
C PHE A 619 -10.77 1.98 7.90
N TYR A 620 -11.01 1.15 6.89
CA TYR A 620 -10.01 0.97 5.84
C TYR A 620 -9.77 2.33 5.15
N PRO A 621 -8.52 2.64 4.78
CA PRO A 621 -8.33 3.85 3.95
C PRO A 621 -9.24 3.89 2.72
N PHE A 622 -9.34 2.76 2.03
CA PHE A 622 -10.24 2.62 0.89
C PHE A 622 -11.38 1.68 1.29
N SER A 623 -12.60 2.21 1.36
CA SER A 623 -13.73 1.49 1.92
C SER A 623 -14.81 1.23 0.85
N ARG A 624 -14.88 0.00 0.36
CA ARG A 624 -15.78 -0.42 -0.71
C ARG A 624 -16.42 -1.77 -0.40
N ASP A 625 -17.72 -1.85 -0.60
CA ASP A 625 -18.49 -3.09 -0.61
C ASP A 625 -18.54 -3.56 -2.07
N HIS A 626 -18.05 -4.78 -2.32
CA HIS A 626 -18.01 -5.39 -3.65
C HIS A 626 -18.25 -6.88 -3.49
N SER A 627 -18.77 -7.52 -4.53
N SER A 627 -18.75 -7.51 -4.53
CA SER A 627 -19.23 -8.90 -4.46
CA SER A 627 -19.09 -8.91 -4.47
C SER A 627 -19.17 -9.56 -5.84
C SER A 627 -19.15 -9.56 -5.83
N ALA A 628 -18.99 -10.87 -5.84
CA ALA A 628 -19.09 -11.66 -7.07
C ALA A 628 -20.54 -11.82 -7.48
N ARG A 629 -20.75 -12.20 -8.73
CA ARG A 629 -22.11 -12.29 -9.29
C ARG A 629 -22.92 -13.48 -8.85
N ASP A 630 -22.27 -14.54 -8.39
CA ASP A 630 -23.01 -15.77 -8.11
C ASP A 630 -23.43 -15.87 -6.65
N THR A 631 -23.40 -14.76 -5.92
CA THR A 631 -23.64 -14.80 -4.50
C THR A 631 -24.86 -13.97 -4.17
N THR A 632 -25.32 -14.05 -2.93
CA THR A 632 -26.39 -13.18 -2.49
C THR A 632 -25.90 -11.74 -2.56
N HIS A 633 -26.85 -10.83 -2.66
CA HIS A 633 -26.52 -9.41 -2.67
C HIS A 633 -26.11 -8.97 -1.26
N GLN A 634 -25.30 -7.92 -1.16
CA GLN A 634 -24.76 -7.52 0.14
C GLN A 634 -24.60 -6.00 0.27
N GLU A 635 -25.44 -5.25 -0.43
CA GLU A 635 -25.56 -3.82 -0.15
C GLU A 635 -25.93 -3.67 1.33
N LEU A 636 -25.43 -2.61 1.96
CA LEU A 636 -25.51 -2.48 3.41
C LEU A 636 -26.92 -2.25 3.94
N TYR A 637 -27.84 -1.83 3.08
CA TYR A 637 -29.22 -1.59 3.49
C TYR A 637 -30.07 -2.86 3.59
N LEU A 638 -29.54 -4.00 3.15
CA LEU A 638 -30.37 -5.20 3.01
C LEU A 638 -30.79 -5.83 4.33
N TRP A 639 -29.95 -5.74 5.34
CA TRP A 639 -30.27 -6.23 6.68
C TRP A 639 -30.30 -5.05 7.60
N GLU A 640 -31.31 -4.96 8.46
CA GLU A 640 -31.36 -3.82 9.35
C GLU A 640 -30.16 -3.71 10.28
N SER A 641 -29.67 -4.83 10.81
CA SER A 641 -28.58 -4.73 11.77
C SER A 641 -27.30 -4.27 11.08
N VAL A 642 -27.14 -4.63 9.82
CA VAL A 642 -25.98 -4.17 9.04
C VAL A 642 -26.15 -2.69 8.73
N ALA A 643 -27.35 -2.28 8.33
CA ALA A 643 -27.63 -0.88 8.03
C ALA A 643 -27.37 0.00 9.24
N ALA A 644 -27.82 -0.46 10.41
CA ALA A 644 -27.68 0.32 11.63
C ALA A 644 -26.21 0.43 12.04
N SER A 645 -25.46 -0.66 11.97
CA SER A 645 -24.01 -0.58 12.24
C SER A 645 -23.32 0.33 11.22
N ALA A 646 -23.72 0.22 9.96
CA ALA A 646 -23.14 1.05 8.92
C ALA A 646 -23.33 2.54 9.20
N ARG A 647 -24.54 2.92 9.60
CA ARG A 647 -24.78 4.31 9.94
C ARG A 647 -23.87 4.79 11.07
N THR A 648 -23.71 3.94 12.09
CA THR A 648 -22.84 4.26 13.22
C THR A 648 -21.37 4.42 12.80
N VAL A 649 -20.84 3.42 12.10
CA VAL A 649 -19.41 3.43 11.83
C VAL A 649 -19.04 4.34 10.67
N LEU A 650 -19.87 4.42 9.63
CA LEU A 650 -19.61 5.40 8.59
C LEU A 650 -19.82 6.82 9.12
N GLY A 651 -20.68 6.98 10.13
CA GLY A 651 -20.82 8.29 10.79
C GLY A 651 -19.51 8.73 11.40
N LEU A 652 -18.86 7.83 12.14
CA LEU A 652 -17.56 8.16 12.73
C LEU A 652 -16.50 8.35 11.64
N ARG A 653 -16.45 7.45 10.67
CA ARG A 653 -15.53 7.63 9.54
C ARG A 653 -15.69 9.01 8.93
N TYR A 654 -16.93 9.43 8.67
CA TYR A 654 -17.13 10.71 8.01
C TYR A 654 -16.70 11.88 8.92
N GLN A 655 -16.96 11.77 10.22
CA GLN A 655 -16.44 12.77 11.17
C GLN A 655 -14.91 12.83 11.13
N LEU A 656 -14.29 11.69 10.87
CA LEU A 656 -12.85 11.57 10.73
C LEU A 656 -12.30 11.90 9.33
N LEU A 657 -13.14 12.35 8.40
CA LEU A 657 -12.64 12.66 7.07
C LEU A 657 -11.47 13.66 7.06
N PRO A 658 -11.56 14.76 7.86
CA PRO A 658 -10.41 15.67 7.85
C PRO A 658 -9.13 15.01 8.35
N TYR A 659 -9.29 13.99 9.18
CA TYR A 659 -8.16 13.26 9.75
C TYR A 659 -7.58 12.29 8.72
N TYR A 660 -8.42 11.45 8.12
CA TYR A 660 -7.96 10.63 7.01
C TYR A 660 -7.27 11.47 5.94
N TYR A 661 -7.83 12.63 5.61
CA TYR A 661 -7.27 13.44 4.55
C TYR A 661 -5.89 14.01 4.93
N THR A 662 -5.76 14.45 6.18
CA THR A 662 -4.47 14.90 6.71
C THR A 662 -3.43 13.77 6.70
N LEU A 663 -3.87 12.57 7.03
CA LEU A 663 -2.96 11.43 7.01
C LEU A 663 -2.52 11.12 5.59
N MET A 664 -3.42 11.31 4.64
CA MET A 664 -3.10 11.14 3.24
C MET A 664 -2.02 12.14 2.80
N TYR A 665 -2.16 13.38 3.28
CA TYR A 665 -1.15 14.40 3.06
C TYR A 665 0.20 13.97 3.67
N ASP A 666 0.18 13.48 4.90
CA ASP A 666 1.39 13.01 5.58
C ASP A 666 2.05 11.86 4.79
N ALA A 667 1.22 10.98 4.24
CA ALA A 667 1.73 9.83 3.48
C ALA A 667 2.42 10.30 2.21
N ASN A 668 1.84 11.28 1.54
CA ASN A 668 2.46 11.80 0.33
C ASN A 668 3.78 12.51 0.65
N LEU A 669 3.85 13.14 1.82
CA LEU A 669 5.04 13.88 2.22
C LEU A 669 6.20 12.98 2.65
N ARG A 670 5.89 11.95 3.44
CA ARG A 670 6.92 11.19 4.16
C ARG A 670 6.76 9.67 4.02
N GLY A 671 5.72 9.21 3.34
CA GLY A 671 5.50 7.77 3.14
C GLY A 671 4.82 7.08 4.30
N ILE A 672 4.50 7.81 5.37
CA ILE A 672 3.95 7.17 6.56
C ILE A 672 2.52 6.69 6.28
N PRO A 673 2.23 5.40 6.58
CA PRO A 673 0.91 4.90 6.19
C PRO A 673 -0.23 5.52 6.99
N ILE A 674 -1.41 5.54 6.38
CA ILE A 674 -2.62 5.99 7.03
C ILE A 674 -3.04 4.97 8.08
N ALA A 675 -3.18 3.71 7.64
CA ALA A 675 -3.44 2.59 8.55
C ALA A 675 -2.08 1.96 8.83
N ARG A 676 -1.64 2.06 10.07
CA ARG A 676 -0.28 1.72 10.41
C ARG A 676 -0.21 0.74 11.58
N PRO A 677 0.89 0.00 11.69
CA PRO A 677 1.05 -0.92 12.81
C PRO A 677 1.18 -0.19 14.13
N LEU A 678 0.74 -0.83 15.20
CA LEU A 678 0.93 -0.26 16.53
C LEU A 678 2.39 0.11 16.77
N PHE A 679 3.32 -0.68 16.27
CA PHE A 679 4.74 -0.41 16.54
C PHE A 679 5.29 0.85 15.82
N PHE A 680 4.52 1.46 14.92
CA PHE A 680 4.96 2.74 14.37
C PHE A 680 4.91 3.84 15.44
N THR A 681 3.89 3.78 16.29
CA THR A 681 3.77 4.72 17.40
C THR A 681 4.48 4.23 18.66
N PHE A 682 4.53 2.92 18.86
CA PHE A 682 5.11 2.32 20.08
C PHE A 682 6.25 1.36 19.74
N PRO A 683 7.28 1.86 19.03
CA PRO A 683 8.34 0.94 18.61
C PRO A 683 9.17 0.34 19.75
N ASP A 684 9.12 0.95 20.93
N ASP A 684 9.11 0.95 20.93
CA ASP A 684 9.86 0.41 22.07
CA ASP A 684 9.85 0.40 22.07
C ASP A 684 9.05 -0.63 22.86
C ASP A 684 9.10 -0.71 22.80
N ASP A 685 7.87 -0.99 22.36
CA ASP A 685 7.01 -1.98 22.99
C ASP A 685 6.98 -3.24 22.13
N VAL A 686 7.77 -4.24 22.47
N VAL A 686 7.78 -4.22 22.50
CA VAL A 686 7.87 -5.42 21.62
CA VAL A 686 7.91 -5.47 21.73
C VAL A 686 6.58 -6.25 21.61
C VAL A 686 6.58 -6.22 21.61
N ALA A 687 5.69 -6.03 22.56
CA ALA A 687 4.37 -6.68 22.52
C ALA A 687 3.60 -6.29 21.27
N THR A 688 3.91 -5.14 20.69
CA THR A 688 3.16 -4.68 19.51
C THR A 688 3.67 -5.32 18.23
N TYR A 689 4.83 -5.97 18.27
CA TYR A 689 5.45 -6.43 17.03
C TYR A 689 4.63 -7.56 16.40
N GLY A 690 4.04 -8.40 17.23
CA GLY A 690 3.30 -9.53 16.76
C GLY A 690 1.80 -9.34 16.68
N ILE A 691 1.33 -8.10 16.83
CA ILE A 691 -0.09 -7.82 16.70
C ILE A 691 -0.51 -7.89 15.23
N SER A 692 -1.57 -8.66 14.96
CA SER A 692 -2.06 -8.82 13.59
C SER A 692 -3.56 -8.55 13.44
N SER A 693 -4.22 -8.18 14.53
CA SER A 693 -5.67 -8.03 14.51
C SER A 693 -6.14 -6.72 15.09
N GLN A 694 -5.21 -5.78 15.25
CA GLN A 694 -5.49 -4.39 15.62
C GLN A 694 -4.57 -3.53 14.79
N PHE A 695 -4.95 -2.26 14.61
CA PHE A 695 -4.15 -1.36 13.82
C PHE A 695 -4.45 0.06 14.26
N LEU A 696 -3.58 0.98 13.86
CA LEU A 696 -3.78 2.41 14.12
C LEU A 696 -4.24 3.11 12.85
N ILE A 697 -5.07 4.12 13.02
CA ILE A 697 -5.32 5.13 11.98
C ILE A 697 -4.59 6.36 12.50
N GLY A 698 -3.53 6.74 11.80
CA GLY A 698 -2.64 7.79 12.27
C GLY A 698 -1.93 7.41 13.55
N ARG A 699 -1.49 8.40 14.30
N ARG A 699 -1.49 8.41 14.30
CA ARG A 699 -0.60 8.14 15.43
CA ARG A 699 -0.61 8.15 15.43
C ARG A 699 -1.27 7.48 16.63
C ARG A 699 -1.29 7.46 16.61
N GLY A 700 -2.47 7.95 16.97
CA GLY A 700 -3.06 7.64 18.26
C GLY A 700 -4.47 7.09 18.29
N ILE A 701 -5.04 6.71 17.14
CA ILE A 701 -6.36 6.06 17.13
C ILE A 701 -6.19 4.59 16.78
N MET A 702 -6.74 3.72 17.62
CA MET A 702 -6.59 2.28 17.47
C MET A 702 -7.96 1.61 17.25
N VAL A 703 -8.01 0.72 16.26
CA VAL A 703 -9.21 -0.02 15.93
C VAL A 703 -9.00 -1.47 16.36
N SER A 704 -9.95 -1.99 17.15
CA SER A 704 -9.83 -3.33 17.74
C SER A 704 -11.07 -4.15 17.43
N PRO A 705 -11.15 -4.71 16.21
CA PRO A 705 -12.39 -5.34 15.74
C PRO A 705 -12.65 -6.72 16.36
N VAL A 706 -13.91 -7.09 16.41
CA VAL A 706 -14.30 -8.48 16.61
C VAL A 706 -14.13 -9.25 15.30
N LEU A 707 -13.54 -10.44 15.37
CA LEU A 707 -13.18 -11.21 14.18
C LEU A 707 -13.65 -12.65 14.28
N GLN A 708 -14.61 -12.91 15.17
CA GLN A 708 -15.15 -14.26 15.35
C GLN A 708 -16.66 -14.22 15.45
N PRO A 709 -17.36 -15.21 14.86
CA PRO A 709 -18.82 -15.27 15.01
C PRO A 709 -19.23 -15.51 16.45
N GLY A 710 -20.33 -14.88 16.85
CA GLY A 710 -20.92 -15.12 18.16
C GLY A 710 -20.23 -14.41 19.31
N ALA A 711 -19.15 -13.68 19.03
CA ALA A 711 -18.42 -13.02 20.08
C ALA A 711 -19.11 -11.71 20.47
N VAL A 712 -19.10 -11.41 21.77
CA VAL A 712 -19.61 -10.12 22.26
C VAL A 712 -18.53 -9.41 23.10
N SER A 713 -17.29 -9.84 22.91
CA SER A 713 -16.12 -9.19 23.50
C SER A 713 -14.91 -9.50 22.62
N VAL A 714 -13.84 -8.73 22.77
CA VAL A 714 -12.60 -9.01 22.07
C VAL A 714 -11.42 -8.72 23.00
N ASN A 715 -10.49 -9.66 23.05
CA ASN A 715 -9.28 -9.48 23.84
C ASN A 715 -8.26 -8.70 23.02
N ALA A 716 -8.03 -7.45 23.43
CA ALA A 716 -7.31 -6.46 22.64
C ALA A 716 -6.12 -5.95 23.40
N TYR A 717 -4.98 -5.79 22.72
CA TYR A 717 -3.79 -5.24 23.36
C TYR A 717 -3.85 -3.73 23.47
N PHE A 718 -3.57 -3.22 24.66
CA PHE A 718 -3.44 -1.77 24.87
C PHE A 718 -2.04 -1.39 25.32
N PRO A 719 -1.34 -0.60 24.51
CA PRO A 719 -0.08 0.00 24.95
C PRO A 719 -0.31 0.89 26.17
N ARG A 720 0.76 1.13 26.90
CA ARG A 720 0.73 1.91 28.13
C ARG A 720 -0.05 3.20 28.03
N GLY A 721 -0.88 3.45 29.04
CA GLY A 721 -1.53 4.73 29.21
C GLY A 721 -3.04 4.69 29.13
N ASN A 722 -3.62 5.86 28.86
CA ASN A 722 -5.06 6.04 28.83
C ASN A 722 -5.59 6.15 27.43
N TRP A 723 -6.68 5.42 27.20
CA TRP A 723 -7.32 5.33 25.91
C TRP A 723 -8.82 5.56 26.07
N PHE A 724 -9.41 6.34 25.18
CA PHE A 724 -10.81 6.78 25.28
C PHE A 724 -11.59 6.35 24.07
N SER A 725 -12.78 5.78 24.28
CA SER A 725 -13.61 5.37 23.17
C SER A 725 -14.09 6.56 22.33
N LEU A 726 -13.91 6.50 21.01
CA LEU A 726 -14.42 7.55 20.13
C LEU A 726 -15.94 7.54 20.01
N PHE A 727 -16.58 6.44 20.43
CA PHE A 727 -18.04 6.33 20.40
C PHE A 727 -18.71 6.78 21.71
N ASN A 728 -17.95 6.86 22.79
CA ASN A 728 -18.50 7.27 24.08
C ASN A 728 -17.30 7.68 24.93
N TYR A 729 -17.08 8.99 25.06
CA TYR A 729 -15.86 9.49 25.69
C TYR A 729 -15.73 9.16 27.18
N THR A 730 -16.83 8.77 27.82
CA THR A 730 -16.83 8.34 29.22
C THR A 730 -16.23 6.94 29.39
N SER A 731 -16.21 6.16 28.32
N SER A 731 -16.15 6.18 28.31
CA SER A 731 -15.63 4.83 28.35
CA SER A 731 -15.64 4.82 28.32
C SER A 731 -14.14 4.91 28.06
C SER A 731 -14.15 4.82 27.99
N SER A 732 -13.34 4.31 28.92
CA SER A 732 -11.89 4.34 28.76
C SER A 732 -11.22 3.10 29.28
N VAL A 733 -9.98 2.97 28.88
CA VAL A 733 -9.09 1.89 29.30
C VAL A 733 -7.82 2.56 29.80
N SER A 734 -7.34 2.13 30.96
CA SER A 734 -6.09 2.62 31.50
C SER A 734 -5.22 1.43 31.90
N VAL A 735 -4.02 1.38 31.35
CA VAL A 735 -3.08 0.33 31.70
C VAL A 735 -1.73 0.94 32.00
N SER A 736 -0.98 0.28 32.89
N SER A 736 -0.96 0.27 32.85
CA SER A 736 0.43 0.61 33.13
CA SER A 736 0.42 0.61 33.10
C SER A 736 1.25 -0.09 32.06
C SER A 736 1.27 -0.09 32.04
N ALA A 737 1.94 -1.16 32.41
CA ALA A 737 2.60 -1.98 31.40
C ALA A 737 1.50 -2.39 30.40
N GLY A 738 1.79 -2.28 29.12
CA GLY A 738 0.81 -2.68 28.12
C GLY A 738 0.29 -4.09 28.38
N THR A 739 -1.01 -4.28 28.20
CA THR A 739 -1.55 -5.61 28.39
C THR A 739 -2.85 -5.75 27.63
N TYR A 740 -3.38 -6.97 27.64
CA TYR A 740 -4.65 -7.28 27.02
C TYR A 740 -5.83 -6.95 27.93
N VAL A 741 -6.86 -6.41 27.31
CA VAL A 741 -8.10 -6.03 27.95
C VAL A 741 -9.23 -6.67 27.17
N SER A 742 -10.15 -7.29 27.89
CA SER A 742 -11.29 -7.96 27.28
C SER A 742 -12.41 -6.95 27.12
N LEU A 743 -12.40 -6.25 25.98
CA LEU A 743 -13.34 -5.18 25.69
C LEU A 743 -14.73 -5.71 25.40
N SER A 744 -15.73 -5.07 25.96
CA SER A 744 -17.09 -5.33 25.55
C SER A 744 -17.26 -4.97 24.08
N ALA A 745 -17.91 -5.86 23.34
CA ALA A 745 -18.11 -5.65 21.91
C ALA A 745 -19.44 -6.28 21.47
N PRO A 746 -20.54 -5.67 21.87
CA PRO A 746 -21.85 -6.21 21.49
C PRO A 746 -22.03 -6.18 19.96
N PRO A 747 -23.07 -6.86 19.46
CA PRO A 747 -23.20 -7.03 18.02
C PRO A 747 -23.18 -5.73 17.24
N ASP A 748 -23.62 -4.63 17.85
CA ASP A 748 -23.75 -3.39 17.13
C ASP A 748 -22.57 -2.42 17.33
N HIS A 749 -21.49 -2.90 17.94
N HIS A 749 -21.50 -2.90 17.96
CA HIS A 749 -20.38 -2.03 18.36
CA HIS A 749 -20.39 -2.03 18.31
C HIS A 749 -19.03 -2.56 17.88
C HIS A 749 -19.05 -2.57 17.82
N ILE A 750 -18.18 -1.63 17.47
CA ILE A 750 -16.76 -1.90 17.28
C ILE A 750 -15.98 -0.93 18.17
N ASN A 751 -14.92 -1.45 18.78
CA ASN A 751 -14.04 -0.65 19.60
C ASN A 751 -13.03 0.17 18.80
N VAL A 752 -13.08 1.47 19.02
CA VAL A 752 -12.16 2.42 18.42
C VAL A 752 -11.79 3.43 19.53
N HIS A 753 -10.49 3.55 19.82
CA HIS A 753 -10.01 4.31 20.96
C HIS A 753 -8.94 5.30 20.57
N ILE A 754 -8.90 6.42 21.28
CA ILE A 754 -7.85 7.43 21.09
C ILE A 754 -6.97 7.52 22.34
N HIS A 755 -5.66 7.53 22.10
CA HIS A 755 -4.67 7.56 23.18
C HIS A 755 -4.38 8.98 23.64
N GLU A 756 -4.05 9.09 24.93
CA GLU A 756 -3.55 10.34 25.49
C GLU A 756 -2.40 10.90 24.66
N GLY A 757 -2.32 12.23 24.60
CA GLY A 757 -1.24 12.91 23.90
C GLY A 757 -1.58 13.37 22.50
N ASN A 758 -2.82 13.15 22.07
CA ASN A 758 -3.22 13.40 20.70
C ASN A 758 -4.38 14.38 20.60
N ILE A 759 -4.38 15.14 19.51
CA ILE A 759 -5.45 16.08 19.18
C ILE A 759 -5.90 15.75 17.76
N VAL A 760 -7.21 15.57 17.59
CA VAL A 760 -7.76 15.24 16.28
C VAL A 760 -8.92 16.19 15.96
N ALA A 761 -8.82 16.83 14.80
CA ALA A 761 -9.86 17.71 14.30
C ALA A 761 -10.87 16.91 13.50
N MET A 762 -12.12 16.98 13.93
N MET A 762 -12.13 17.02 13.87
CA MET A 762 -13.26 16.30 13.32
CA MET A 762 -13.21 16.31 13.23
C MET A 762 -14.13 17.31 12.59
C MET A 762 -14.22 17.28 12.68
N GLN A 763 -14.93 16.85 11.64
CA GLN A 763 -16.07 17.61 11.12
C GLN A 763 -17.32 16.78 11.37
N GLY A 764 -18.46 17.26 10.87
CA GLY A 764 -19.69 16.58 11.15
C GLY A 764 -20.02 15.46 10.17
N GLU A 765 -20.96 14.63 10.58
CA GLU A 765 -21.52 13.61 9.72
C GLU A 765 -22.32 14.24 8.59
N ALA A 766 -22.36 13.55 7.47
CA ALA A 766 -23.19 13.96 6.34
C ALA A 766 -23.29 12.79 5.38
N MET A 767 -24.19 12.89 4.41
N MET A 767 -24.20 12.90 4.42
CA MET A 767 -24.41 11.80 3.47
CA MET A 767 -24.41 11.82 3.47
C MET A 767 -23.42 11.82 2.30
C MET A 767 -23.34 11.79 2.38
N THR A 768 -22.71 12.94 2.13
CA THR A 768 -21.66 13.05 1.12
C THR A 768 -20.48 13.80 1.71
N THR A 769 -19.29 13.57 1.15
CA THR A 769 -18.11 14.25 1.67
C THR A 769 -18.17 15.75 1.43
N GLN A 770 -18.77 16.19 0.33
CA GLN A 770 -18.89 17.63 0.08
C GLN A 770 -19.72 18.29 1.15
N ALA A 771 -20.83 17.65 1.52
CA ALA A 771 -21.68 18.19 2.57
C ALA A 771 -20.95 18.18 3.91
N ALA A 772 -20.18 17.14 4.16
CA ALA A 772 -19.39 17.04 5.39
C ALA A 772 -18.39 18.19 5.52
N ARG A 773 -17.79 18.59 4.40
CA ARG A 773 -16.80 19.65 4.41
C ARG A 773 -17.36 21.03 4.75
N SER A 774 -18.68 21.19 4.70
CA SER A 774 -19.28 22.49 5.03
C SER A 774 -19.75 22.59 6.49
N THR A 775 -19.48 21.56 7.30
CA THR A 775 -19.91 21.52 8.69
C THR A 775 -18.83 22.12 9.61
N PRO A 776 -19.19 22.39 10.86
CA PRO A 776 -18.16 22.94 11.77
C PRO A 776 -17.13 21.91 12.18
N PHE A 777 -15.93 22.37 12.49
CA PHE A 777 -14.93 21.53 13.10
C PHE A 777 -15.16 21.42 14.58
N HIS A 778 -14.95 20.22 15.10
CA HIS A 778 -14.92 19.95 16.52
C HIS A 778 -13.58 19.35 16.82
N LEU A 779 -12.86 19.94 17.75
CA LEU A 779 -11.53 19.50 18.10
C LEU A 779 -11.62 18.55 19.28
N LEU A 780 -10.99 17.38 19.14
CA LEU A 780 -10.88 16.42 20.24
C LEU A 780 -9.47 16.45 20.81
N VAL A 781 -9.34 16.88 22.06
CA VAL A 781 -8.04 17.06 22.71
C VAL A 781 -7.93 16.01 23.84
N VAL A 782 -6.95 15.11 23.75
CA VAL A 782 -6.77 14.09 24.78
C VAL A 782 -5.48 14.38 25.52
N MET A 783 -5.63 14.80 26.76
CA MET A 783 -4.48 15.20 27.57
C MET A 783 -3.72 14.01 28.09
N SER A 784 -2.43 14.23 28.35
CA SER A 784 -1.54 13.29 28.99
C SER A 784 -0.83 13.99 30.13
N ASP A 785 -0.66 13.30 31.26
CA ASP A 785 0.12 13.85 32.37
C ASP A 785 1.59 14.05 32.02
N HIS A 786 2.09 13.32 31.04
CA HIS A 786 3.52 13.21 30.82
C HIS A 786 4.07 13.98 29.64
N VAL A 787 3.22 14.36 28.70
CA VAL A 787 3.67 15.01 27.48
C VAL A 787 2.57 15.92 26.98
N ALA A 788 2.95 17.01 26.31
CA ALA A 788 2.00 17.87 25.64
C ALA A 788 1.28 17.08 24.55
N SER A 789 0.04 17.46 24.26
CA SER A 789 -0.73 16.84 23.20
C SER A 789 -0.58 17.63 21.92
N THR A 790 -0.53 16.92 20.78
CA THR A 790 -0.37 17.58 19.50
C THR A 790 -1.25 16.93 18.44
N GLY A 791 -1.50 17.68 17.38
CA GLY A 791 -2.23 17.14 16.23
C GLY A 791 -2.05 18.08 15.06
N GLU A 792 -2.57 17.68 13.92
CA GLU A 792 -2.32 18.35 12.64
C GLU A 792 -3.57 18.29 11.78
N LEU A 793 -3.77 19.30 10.95
CA LEU A 793 -4.90 19.35 10.04
C LEU A 793 -4.44 20.00 8.74
N PHE A 794 -4.57 19.27 7.65
CA PHE A 794 -4.27 19.80 6.32
C PHE A 794 -5.57 20.09 5.58
N LEU A 795 -5.65 21.26 4.94
CA LEU A 795 -6.82 21.71 4.24
C LEU A 795 -6.49 22.21 2.84
N ASP A 796 -7.23 21.73 1.84
CA ASP A 796 -7.25 22.32 0.50
C ASP A 796 -8.65 22.11 -0.08
N ASN A 797 -8.82 22.31 -1.38
CA ASN A 797 -10.16 22.17 -1.95
C ASN A 797 -10.60 20.73 -2.21
N GLY A 798 -9.78 19.76 -1.79
CA GLY A 798 -10.10 18.34 -1.91
C GLY A 798 -9.68 17.71 -3.24
N ILE A 799 -9.29 18.52 -4.21
CA ILE A 799 -9.04 18.05 -5.58
C ILE A 799 -7.84 18.66 -6.31
N GLU A 800 -7.03 19.49 -5.63
CA GLU A 800 -5.85 20.12 -6.26
C GLU A 800 -4.88 19.09 -6.84
N MET A 801 -4.39 19.32 -8.06
N MET A 801 -4.39 19.31 -8.06
CA MET A 801 -3.46 18.37 -8.69
CA MET A 801 -3.46 18.34 -8.69
C MET A 801 -2.19 18.14 -7.87
C MET A 801 -2.17 18.13 -7.90
N ASP A 802 -1.52 19.22 -7.49
CA ASP A 802 -0.25 19.14 -6.77
C ASP A 802 -0.49 19.49 -5.30
N ILE A 803 -0.70 18.46 -4.48
CA ILE A 803 -1.08 18.67 -3.10
C ILE A 803 0.01 19.41 -2.30
N GLY A 804 -0.40 20.44 -1.59
CA GLY A 804 0.53 21.22 -0.79
C GLY A 804 1.65 21.89 -1.55
N GLY A 805 1.42 22.20 -2.82
CA GLY A 805 2.45 22.75 -3.68
C GLY A 805 2.60 24.26 -3.57
N PRO A 806 3.55 24.82 -4.32
CA PRO A 806 3.89 26.25 -4.25
C PRO A 806 2.76 27.22 -4.60
N GLY A 807 1.69 26.74 -5.24
CA GLY A 807 0.58 27.60 -5.58
C GLY A 807 -0.14 28.16 -4.36
N GLY A 808 -0.02 27.45 -3.25
N GLY A 808 -0.05 27.43 -3.24
CA GLY A 808 -0.87 27.71 -2.11
CA GLY A 808 -0.46 27.95 -1.95
C GLY A 808 -2.23 27.14 -2.43
C GLY A 808 -1.94 27.88 -1.60
N LYS A 809 -3.27 27.78 -1.93
N LYS A 809 -2.75 27.18 -2.40
CA LYS A 809 -4.62 27.23 -1.93
CA LYS A 809 -4.19 27.06 -2.12
C LYS A 809 -4.61 26.00 -1.03
C LYS A 809 -4.45 25.94 -1.11
N TRP A 810 -3.83 26.09 0.04
CA TRP A 810 -3.90 25.08 1.10
C TRP A 810 -3.45 25.73 2.39
N THR A 811 -3.86 25.12 3.50
CA THR A 811 -3.48 25.57 4.84
C THR A 811 -3.07 24.35 5.65
N LEU A 812 -2.06 24.52 6.50
CA LEU A 812 -1.67 23.48 7.46
C LEU A 812 -1.79 24.05 8.86
N VAL A 813 -2.55 23.38 9.71
CA VAL A 813 -2.75 23.79 11.08
C VAL A 813 -2.12 22.75 12.01
N ARG A 814 -1.39 23.22 13.00
N ARG A 814 -1.39 23.21 13.00
CA ARG A 814 -0.87 22.37 14.06
CA ARG A 814 -0.89 22.35 14.06
C ARG A 814 -1.54 22.78 15.37
C ARG A 814 -1.51 22.78 15.37
N PHE A 815 -1.97 21.80 16.14
CA PHE A 815 -2.60 22.03 17.42
C PHE A 815 -1.71 21.57 18.56
N PHE A 816 -1.81 22.28 19.69
N PHE A 816 -1.84 22.25 19.70
CA PHE A 816 -1.03 22.01 20.88
CA PHE A 816 -1.01 21.98 20.88
C PHE A 816 -1.94 22.13 22.11
C PHE A 816 -1.82 22.21 22.15
N ALA A 817 -1.69 21.31 23.12
CA ALA A 817 -2.36 21.46 24.41
C ALA A 817 -1.43 21.03 25.51
N GLU A 818 -1.35 21.82 26.57
CA GLU A 818 -0.51 21.48 27.71
C GLU A 818 -1.14 21.96 29.01
N SER A 819 -1.11 21.10 30.01
CA SER A 819 -1.54 21.44 31.37
C SER A 819 -0.41 22.07 32.15
N GLY A 820 -0.75 23.12 32.89
CA GLY A 820 0.14 23.66 33.91
C GLY A 820 -0.38 23.15 35.23
N ILE A 821 0.20 23.64 36.31
CA ILE A 821 -0.21 23.14 37.60
C ILE A 821 -1.65 23.59 37.92
N ASN A 822 -2.04 24.78 37.44
CA ASN A 822 -3.39 25.33 37.69
C ASN A 822 -4.13 25.79 36.43
N ASN A 823 -3.62 25.45 35.26
CA ASN A 823 -4.27 25.89 34.04
C ASN A 823 -4.08 24.90 32.91
N LEU A 824 -4.70 25.21 31.78
CA LEU A 824 -4.59 24.41 30.58
C LEU A 824 -4.59 25.37 29.40
N THR A 825 -3.61 25.25 28.52
CA THR A 825 -3.53 26.09 27.34
C THR A 825 -3.70 25.22 26.10
N ILE A 826 -4.61 25.61 25.21
CA ILE A 826 -4.81 24.95 23.92
C ILE A 826 -4.54 26.00 22.86
N SER A 827 -3.76 25.67 21.85
CA SER A 827 -3.43 26.65 20.83
C SER A 827 -3.25 26.03 19.47
N SER A 828 -3.20 26.88 18.45
CA SER A 828 -2.88 26.45 17.11
C SER A 828 -1.84 27.36 16.46
N GLU A 829 -1.15 26.81 15.48
CA GLU A 829 -0.24 27.56 14.62
C GLU A 829 -0.65 27.24 13.20
N VAL A 830 -0.68 28.24 12.34
CA VAL A 830 -1.28 28.11 11.02
C VAL A 830 -0.29 28.54 9.96
N VAL A 831 -0.12 27.69 8.96
CA VAL A 831 0.63 28.05 7.77
C VAL A 831 -0.36 28.36 6.67
N ASN A 832 -0.20 29.53 6.04
CA ASN A 832 -1.08 30.01 4.97
C ASN A 832 -2.51 30.26 5.46
N ARG A 833 -2.68 31.20 6.37
CA ARG A 833 -3.99 31.44 6.97
C ARG A 833 -5.02 31.84 5.92
N GLY A 834 -4.54 32.46 4.85
CA GLY A 834 -5.40 33.00 3.82
C GLY A 834 -6.39 32.01 3.24
N TYR A 835 -5.90 30.86 2.81
CA TYR A 835 -6.76 29.88 2.15
C TYR A 835 -7.88 29.45 3.08
N ALA A 836 -7.53 28.94 4.27
CA ALA A 836 -8.53 28.53 5.24
C ALA A 836 -9.54 29.64 5.58
N MET A 837 -9.06 30.88 5.71
N MET A 837 -9.07 30.86 5.73
CA MET A 837 -9.97 31.97 6.01
CA MET A 837 -9.97 31.97 6.01
C MET A 837 -10.97 32.17 4.88
C MET A 837 -10.98 32.15 4.87
N SER A 838 -10.49 32.12 3.65
CA SER A 838 -11.35 32.31 2.48
C SER A 838 -12.36 31.17 2.31
N GLN A 839 -12.12 30.03 2.96
CA GLN A 839 -13.04 28.89 2.87
C GLN A 839 -14.04 28.82 4.04
N ARG A 840 -13.97 29.80 4.94
CA ARG A 840 -14.99 29.95 5.99
C ARG A 840 -15.03 28.81 6.98
N TRP A 841 -13.97 28.02 7.10
CA TRP A 841 -14.02 26.91 8.04
C TRP A 841 -14.04 27.40 9.46
N VAL A 842 -14.97 26.85 10.24
CA VAL A 842 -15.18 27.27 11.62
C VAL A 842 -14.87 26.15 12.60
N MET A 843 -14.14 26.48 13.66
N MET A 843 -14.10 26.44 13.63
CA MET A 843 -13.93 25.58 14.80
CA MET A 843 -14.01 25.52 14.76
C MET A 843 -14.90 26.03 15.90
C MET A 843 -14.92 26.03 15.85
N ASP A 844 -15.91 25.21 16.17
CA ASP A 844 -16.98 25.63 17.06
C ASP A 844 -16.98 24.98 18.43
N LYS A 845 -16.21 23.91 18.60
CA LYS A 845 -16.23 23.16 19.85
C LYS A 845 -14.89 22.50 20.09
N ILE A 846 -14.48 22.46 21.36
CA ILE A 846 -13.33 21.70 21.82
C ILE A 846 -13.79 20.80 22.96
N THR A 847 -13.48 19.52 22.83
CA THR A 847 -13.72 18.55 23.89
C THR A 847 -12.38 18.09 24.44
N ILE A 848 -12.27 18.12 25.76
CA ILE A 848 -11.02 17.79 26.45
C ILE A 848 -11.22 16.54 27.29
N LEU A 849 -10.46 15.50 26.92
CA LEU A 849 -10.43 14.22 27.62
C LEU A 849 -9.11 14.04 28.35
N GLY A 850 -9.08 13.09 29.28
CA GLY A 850 -7.82 12.67 29.86
C GLY A 850 -7.46 13.32 31.18
N LEU A 851 -8.27 14.26 31.64
CA LEU A 851 -8.10 14.89 32.95
C LEU A 851 -9.12 14.37 33.94
N LYS A 852 -8.80 14.53 35.23
CA LYS A 852 -9.71 14.14 36.31
C LYS A 852 -10.36 15.35 36.97
N ARG A 853 -10.11 16.54 36.44
CA ARG A 853 -10.75 17.75 36.92
C ARG A 853 -11.35 18.46 35.71
N ARG A 854 -12.51 19.10 35.90
CA ARG A 854 -13.15 19.84 34.81
C ARG A 854 -12.43 21.14 34.54
N VAL A 855 -12.45 21.58 33.28
CA VAL A 855 -11.87 22.86 32.89
C VAL A 855 -12.90 23.72 32.20
N ARG A 856 -12.68 25.02 32.24
CA ARG A 856 -13.60 25.98 31.65
C ARG A 856 -12.84 27.23 31.26
N ILE A 857 -13.45 28.05 30.43
CA ILE A 857 -12.86 29.33 30.08
C ILE A 857 -12.87 30.24 31.31
N LYS A 858 -11.91 31.15 31.39
CA LYS A 858 -11.84 32.11 32.49
C LYS A 858 -13.03 33.05 32.53
N GLY A 885 -12.03 9.32 38.89
CA GLY A 885 -12.17 8.95 37.48
C GLY A 885 -11.97 10.12 36.54
N PHE A 886 -11.92 9.81 35.25
CA PHE A 886 -11.78 10.86 34.26
C PHE A 886 -13.09 11.63 34.10
N VAL A 887 -12.95 12.89 33.72
CA VAL A 887 -14.10 13.73 33.38
C VAL A 887 -13.97 14.20 31.94
N VAL A 888 -15.07 14.71 31.39
CA VAL A 888 -15.09 15.25 30.04
C VAL A 888 -15.48 16.71 30.13
N SER A 889 -14.64 17.58 29.57
CA SER A 889 -14.96 19.02 29.52
C SER A 889 -15.22 19.41 28.07
N VAL A 890 -16.24 20.23 27.88
CA VAL A 890 -16.61 20.69 26.54
C VAL A 890 -16.69 22.21 26.53
N ILE A 891 -15.98 22.80 25.58
CA ILE A 891 -16.00 24.24 25.36
C ILE A 891 -16.77 24.45 24.07
N SER A 892 -17.96 25.05 24.19
CA SER A 892 -18.88 25.13 23.05
C SER A 892 -19.04 26.54 22.51
N ASP A 893 -19.60 26.59 21.30
CA ASP A 893 -20.01 27.81 20.63
C ASP A 893 -18.90 28.85 20.46
N LEU A 894 -17.75 28.36 20.00
CA LEU A 894 -16.57 29.20 19.83
C LEU A 894 -16.61 30.07 18.56
N ARG A 895 -17.23 29.54 17.51
CA ARG A 895 -17.43 30.30 16.28
C ARG A 895 -16.14 30.82 15.67
N GLN A 896 -15.02 30.20 15.99
CA GLN A 896 -13.73 30.68 15.53
C GLN A 896 -13.39 30.21 14.13
N LEU A 897 -12.55 30.96 13.43
CA LEU A 897 -12.06 30.53 12.13
C LEU A 897 -10.86 29.63 12.30
N VAL A 898 -10.92 28.47 11.67
CA VAL A 898 -9.81 27.53 11.68
C VAL A 898 -8.54 28.19 11.18
N GLY A 899 -8.67 29.10 10.22
CA GLY A 899 -7.52 29.78 9.65
C GLY A 899 -6.84 30.78 10.55
N GLN A 900 -7.50 31.15 11.65
CA GLN A 900 -6.94 32.10 12.59
C GLN A 900 -6.31 31.39 13.78
N ALA A 901 -4.99 31.47 13.88
CA ALA A 901 -4.28 30.87 15.01
C ALA A 901 -4.87 31.40 16.30
N PHE A 902 -5.04 30.51 17.27
CA PHE A 902 -5.62 30.88 18.56
C PHE A 902 -4.78 30.39 19.72
N LYS A 903 -5.02 31.01 20.87
CA LYS A 903 -4.49 30.53 22.14
C LYS A 903 -5.59 30.70 23.16
N LEU A 904 -6.05 29.58 23.69
CA LEU A 904 -7.15 29.56 24.64
C LEU A 904 -6.63 29.11 26.00
N GLU A 905 -6.83 29.97 27.01
CA GLU A 905 -6.43 29.67 28.37
C GLU A 905 -7.62 29.18 29.18
N LEU A 906 -7.51 27.97 29.74
CA LEU A 906 -8.58 27.40 30.55
C LEU A 906 -8.13 27.26 32.00
N GLU A 907 -9.08 27.26 32.92
CA GLU A 907 -8.81 27.12 34.34
C GLU A 907 -9.53 25.88 34.85
N PHE A 908 -9.01 25.30 35.93
CA PHE A 908 -9.66 24.15 36.57
C PHE A 908 -10.77 24.61 37.47
N GLU A 909 -11.78 23.76 37.64
CA GLU A 909 -12.85 24.04 38.58
C GLU A 909 -12.59 23.32 39.91
#